data_5RMH
#
_entry.id   5RMH
#
_cell.length_a   59.028
_cell.length_b   70.153
_cell.length_c   85.181
_cell.angle_alpha   102.780
_cell.angle_beta   95.720
_cell.angle_gamma   112.550
#
_symmetry.space_group_name_H-M   'P 1'
#
loop_
_entity.id
_entity.type
_entity.pdbx_description
1 polymer Helicase
2 non-polymer [(4S)-4-methylazepan-1-yl](1,3-thiazol-4-yl)methanone
3 non-polymer 'ZINC ION'
4 non-polymer 'PHOSPHATE ION'
5 water water
#
_entity_poly.entity_id   1
_entity_poly.type   'polypeptide(L)'
_entity_poly.pdbx_seq_one_letter_code
;AVGACVLCNSQTSLRCGACIRRPFLCCKCCYDHVISTSHKLVLSVNPYVCNAPGCDVTDVTQLYLGGMSYYCKSHKPPIS
FPLCANGQVFGLYKNTCVGSDNVTDFNAIATCDWTNAGDYILANTCTERLKLFAAETLKATEETFKLSYGIATVREVLSD
RELHLSWEVGKPRPPLNRNYVFTGYRVTKNSKVQIGEYTFEKGDYGDAVVYRGTTTYKLNVGDYFVLTSHTVMPLSAPTL
VPQEHYVRITGLYPTLNISDEFSSNVANYQKVGMQKYSTLQGPPGTGKSHFAIGLALYYPSARIVYTACSHAAVDALCEK
ALKYLPIDKCSRIIPARARVECFDKFKVNSTLEQYVFCTVNALPETTADIVVFDEISMATNYDLSVVNARLRAKHYVYIG
DPAQLPAPRTLLTKGTLEPEYFNSVCRLMKTIGPDMFLGTCRRCPAEIVDTVSALVYDNKLKAHKDKSAQCFKMFYKGVI
THDVSSAINRPQIGVVREFLTRNPAWRKAVFISPYNSQNAVASKILGLPTQTVDSSQGSEYDYVIFTQTTETAHSCNVNR
FNVAITRAKVGILCIMSDRDLYDKLQFTSLEIPRRNVATLQ
;
_entity_poly.pdbx_strand_id   A,B
#
loop_
_chem_comp.id
_chem_comp.type
_chem_comp.name
_chem_comp.formula
PO4 non-polymer 'PHOSPHATE ION' 'O4 P -3'
VX4 non-polymer [(4S)-4-methylazepan-1-yl](1,3-thiazol-4-yl)methanone 'C11 H16 N2 O S'
ZN non-polymer 'ZINC ION' 'Zn 2'
#
# COMPACT_ATOMS: atom_id res chain seq x y z
N ALA A 1 -3.72 -16.55 -20.05
CA ALA A 1 -4.44 -17.45 -20.94
C ALA A 1 -4.29 -18.93 -20.60
N VAL A 2 -3.26 -19.28 -19.76
CA VAL A 2 -2.99 -20.67 -19.34
C VAL A 2 -2.73 -20.70 -17.80
N GLY A 3 -3.28 -21.70 -17.11
CA GLY A 3 -3.12 -21.81 -15.66
C GLY A 3 -3.67 -23.08 -15.03
N ALA A 4 -3.86 -23.05 -13.69
CA ALA A 4 -4.32 -24.22 -12.94
C ALA A 4 -5.82 -24.22 -12.62
N CYS A 5 -6.43 -25.40 -12.71
CA CYS A 5 -7.85 -25.68 -12.47
C CYS A 5 -8.27 -25.35 -11.04
N VAL A 6 -9.36 -24.59 -10.85
CA VAL A 6 -9.84 -24.27 -9.51
C VAL A 6 -10.52 -25.45 -8.81
N LEU A 7 -10.70 -26.60 -9.48
CA LEU A 7 -11.35 -27.76 -8.85
C LEU A 7 -10.41 -28.94 -8.60
N CYS A 8 -9.41 -29.13 -9.46
CA CYS A 8 -8.49 -30.25 -9.29
C CYS A 8 -7.03 -29.89 -9.51
N ASN A 9 -6.72 -28.60 -9.82
CA ASN A 9 -5.37 -28.06 -10.01
C ASN A 9 -4.70 -28.48 -11.33
N SER A 10 -5.35 -29.37 -12.11
CA SER A 10 -4.87 -29.86 -13.41
C SER A 10 -4.62 -28.68 -14.35
N GLN A 11 -3.45 -28.62 -14.97
CA GLN A 11 -3.10 -27.51 -15.86
C GLN A 11 -4.05 -27.48 -17.07
N THR A 12 -4.47 -26.27 -17.48
CA THR A 12 -5.40 -26.12 -18.60
C THR A 12 -5.32 -24.77 -19.28
N SER A 13 -5.79 -24.69 -20.53
CA SER A 13 -5.93 -23.43 -21.22
C SER A 13 -7.40 -22.90 -21.06
N LEU A 14 -8.34 -23.75 -20.57
CA LEU A 14 -9.75 -23.37 -20.41
C LEU A 14 -10.05 -22.48 -19.20
N ARG A 15 -10.87 -21.46 -19.41
CA ARG A 15 -11.40 -20.55 -18.38
C ARG A 15 -12.89 -20.46 -18.65
N CYS A 16 -13.73 -20.57 -17.61
CA CYS A 16 -15.17 -20.40 -17.86
C CYS A 16 -15.46 -18.92 -18.11
N GLY A 17 -15.99 -18.63 -19.30
CA GLY A 17 -16.32 -17.27 -19.70
C GLY A 17 -17.63 -16.75 -19.14
N ALA A 18 -18.49 -17.65 -18.60
CA ALA A 18 -19.76 -17.22 -18.03
C ALA A 18 -19.69 -16.99 -16.49
N CYS A 19 -18.58 -17.40 -15.85
CA CYS A 19 -18.30 -17.14 -14.45
C CYS A 19 -17.80 -15.72 -14.36
N ILE A 20 -18.27 -14.96 -13.35
CA ILE A 20 -17.86 -13.56 -13.14
C ILE A 20 -16.31 -13.47 -12.81
N ARG A 21 -15.73 -14.54 -12.24
CA ARG A 21 -14.32 -14.56 -11.93
C ARG A 21 -13.43 -15.30 -12.98
N ARG A 22 -14.05 -15.82 -14.10
CA ARG A 22 -13.40 -16.57 -15.21
C ARG A 22 -12.37 -17.61 -14.75
N PRO A 23 -12.79 -18.56 -13.92
CA PRO A 23 -11.83 -19.52 -13.36
C PRO A 23 -11.27 -20.52 -14.36
N PHE A 24 -10.00 -20.91 -14.18
CA PHE A 24 -9.40 -21.93 -15.00
C PHE A 24 -10.05 -23.27 -14.64
N LEU A 25 -10.51 -24.02 -15.67
CA LEU A 25 -11.17 -25.32 -15.50
C LEU A 25 -10.50 -26.34 -16.43
N CYS A 26 -10.21 -27.55 -15.92
CA CYS A 26 -9.59 -28.58 -16.75
C CYS A 26 -10.63 -29.23 -17.68
N CYS A 27 -10.20 -29.90 -18.75
CA CYS A 27 -11.11 -30.58 -19.70
C CYS A 27 -12.28 -31.33 -19.04
N LYS A 28 -12.00 -32.14 -17.99
CA LYS A 28 -12.99 -32.91 -17.27
C LYS A 28 -13.96 -32.04 -16.45
N CYS A 29 -13.41 -31.11 -15.65
CA CYS A 29 -14.22 -30.21 -14.82
C CYS A 29 -15.01 -29.14 -15.64
N CYS A 30 -14.38 -28.62 -16.71
CA CYS A 30 -14.98 -27.66 -17.63
C CYS A 30 -16.22 -28.25 -18.30
N TYR A 31 -16.13 -29.53 -18.68
CA TYR A 31 -17.25 -30.23 -19.31
C TYR A 31 -18.39 -30.37 -18.32
N ASP A 32 -18.11 -30.93 -17.12
CA ASP A 32 -19.10 -31.15 -16.08
C ASP A 32 -19.77 -29.85 -15.61
N HIS A 33 -19.08 -28.70 -15.80
CA HIS A 33 -19.61 -27.38 -15.53
C HIS A 33 -20.55 -26.89 -16.66
N VAL A 34 -20.09 -26.92 -17.93
CA VAL A 34 -20.90 -26.43 -19.03
C VAL A 34 -22.14 -27.29 -19.31
N ILE A 35 -22.06 -28.62 -19.11
CA ILE A 35 -23.21 -29.49 -19.36
C ILE A 35 -24.29 -29.43 -18.27
N SER A 36 -23.93 -29.05 -17.03
CA SER A 36 -24.89 -28.99 -15.94
C SER A 36 -25.43 -27.59 -15.60
N THR A 37 -24.79 -26.52 -16.12
CA THR A 37 -25.23 -25.14 -15.84
C THR A 37 -25.66 -24.39 -17.12
N SER A 38 -26.15 -23.13 -16.99
CA SER A 38 -26.46 -22.24 -18.10
C SER A 38 -25.13 -21.65 -18.71
N HIS A 39 -23.98 -21.89 -18.06
CA HIS A 39 -22.69 -21.39 -18.47
C HIS A 39 -22.17 -22.21 -19.63
N LYS A 40 -22.15 -21.64 -20.84
CA LYS A 40 -21.69 -22.38 -22.01
C LYS A 40 -20.50 -21.73 -22.71
N LEU A 41 -20.12 -20.48 -22.35
CA LEU A 41 -18.99 -19.84 -23.00
C LEU A 41 -17.68 -20.29 -22.32
N VAL A 42 -16.75 -20.86 -23.13
CA VAL A 42 -15.43 -21.33 -22.70
C VAL A 42 -14.36 -20.45 -23.40
N LEU A 43 -13.29 -20.06 -22.67
CA LEU A 43 -12.19 -19.23 -23.20
C LEU A 43 -10.80 -19.90 -23.03
N SER A 44 -10.08 -20.19 -24.14
CA SER A 44 -8.70 -20.68 -24.08
C SER A 44 -7.79 -19.45 -24.46
N VAL A 45 -6.88 -19.52 -25.47
CA VAL A 45 -6.11 -18.35 -25.95
C VAL A 45 -7.11 -17.37 -26.64
N ASN A 46 -7.97 -17.97 -27.45
CA ASN A 46 -9.07 -17.41 -28.21
C ASN A 46 -10.37 -17.99 -27.60
N PRO A 47 -11.49 -17.28 -27.74
CA PRO A 47 -12.76 -17.80 -27.22
C PRO A 47 -13.30 -18.94 -28.08
N TYR A 48 -14.07 -19.83 -27.47
CA TYR A 48 -14.68 -20.93 -28.20
C TYR A 48 -15.98 -20.45 -28.74
N VAL A 49 -15.90 -19.87 -29.93
CA VAL A 49 -16.97 -19.25 -30.69
C VAL A 49 -16.85 -19.70 -32.17
N CYS A 50 -17.98 -19.71 -32.90
CA CYS A 50 -17.97 -20.09 -34.30
C CYS A 50 -17.24 -19.08 -35.14
N ASN A 51 -16.14 -19.56 -35.74
CA ASN A 51 -15.24 -18.77 -36.55
C ASN A 51 -15.78 -18.37 -37.91
N ALA A 52 -16.92 -18.92 -38.31
CA ALA A 52 -17.56 -18.58 -39.56
C ALA A 52 -18.07 -17.13 -39.50
N PRO A 53 -17.89 -16.35 -40.58
CA PRO A 53 -18.32 -14.94 -40.56
C PRO A 53 -19.79 -14.71 -40.24
N GLY A 54 -20.05 -13.75 -39.35
CA GLY A 54 -21.40 -13.37 -38.95
C GLY A 54 -22.14 -14.36 -38.07
N CYS A 55 -21.46 -15.43 -37.64
CA CYS A 55 -22.10 -16.45 -36.82
C CYS A 55 -21.98 -16.17 -35.34
N ASP A 56 -23.12 -16.23 -34.63
CA ASP A 56 -23.17 -15.94 -33.19
C ASP A 56 -23.21 -17.16 -32.27
N VAL A 57 -22.76 -18.36 -32.74
CA VAL A 57 -22.73 -19.56 -31.89
C VAL A 57 -21.55 -19.49 -30.94
N THR A 58 -21.85 -19.32 -29.63
CA THR A 58 -20.89 -19.20 -28.52
C THR A 58 -20.95 -20.40 -27.54
N ASP A 59 -22.02 -21.21 -27.61
CA ASP A 59 -22.25 -22.38 -26.77
C ASP A 59 -21.29 -23.49 -27.17
N VAL A 60 -20.40 -23.85 -26.23
CA VAL A 60 -19.36 -24.87 -26.41
C VAL A 60 -19.92 -26.27 -26.74
N THR A 61 -21.17 -26.56 -26.36
CA THR A 61 -21.82 -27.85 -26.65
C THR A 61 -22.25 -27.97 -28.13
N GLN A 62 -22.51 -26.82 -28.76
CA GLN A 62 -22.88 -26.69 -30.17
C GLN A 62 -21.66 -26.43 -31.06
N LEU A 63 -20.41 -26.55 -30.53
CA LEU A 63 -19.21 -26.28 -31.32
C LEU A 63 -18.25 -27.47 -31.51
N TYR A 64 -17.46 -27.42 -32.59
CA TYR A 64 -16.53 -28.44 -33.07
C TYR A 64 -15.19 -27.83 -33.49
N LEU A 65 -14.11 -28.63 -33.52
CA LEU A 65 -12.80 -28.21 -34.03
C LEU A 65 -12.59 -28.64 -35.54
N GLY A 66 -12.48 -27.65 -36.45
CA GLY A 66 -12.25 -27.86 -37.87
C GLY A 66 -10.80 -27.57 -38.24
N GLY A 67 -9.95 -28.47 -37.81
CA GLY A 67 -8.51 -28.33 -37.98
C GLY A 67 -7.88 -27.69 -36.76
N MET A 68 -7.90 -26.37 -36.72
CA MET A 68 -7.41 -25.58 -35.59
C MET A 68 -8.44 -24.52 -35.12
N SER A 69 -9.44 -24.25 -35.99
CA SER A 69 -10.51 -23.30 -35.81
C SER A 69 -11.76 -23.98 -35.18
N TYR A 70 -12.72 -23.16 -34.76
CA TYR A 70 -13.93 -23.68 -34.13
C TYR A 70 -15.13 -23.24 -34.93
N TYR A 71 -16.06 -24.17 -35.17
CA TYR A 71 -17.31 -23.93 -35.92
C TYR A 71 -18.49 -24.63 -35.29
N CYS A 72 -19.71 -24.15 -35.55
CA CYS A 72 -20.92 -24.79 -35.03
C CYS A 72 -21.35 -26.02 -35.90
N LYS A 73 -22.52 -26.61 -35.64
CA LYS A 73 -23.03 -27.74 -36.43
C LYS A 73 -23.35 -27.32 -37.89
N SER A 74 -23.69 -26.03 -38.12
CA SER A 74 -24.03 -25.47 -39.44
C SER A 74 -22.83 -25.00 -40.27
N HIS A 75 -21.63 -24.89 -39.69
CA HIS A 75 -20.46 -24.40 -40.41
C HIS A 75 -19.26 -25.33 -40.39
N LYS A 76 -19.26 -26.34 -39.52
CA LYS A 76 -18.13 -27.24 -39.39
C LYS A 76 -17.77 -27.96 -40.69
N PRO A 77 -16.47 -28.19 -40.93
CA PRO A 77 -16.08 -28.96 -42.13
C PRO A 77 -16.36 -30.48 -41.96
N PRO A 78 -16.27 -31.32 -43.03
CA PRO A 78 -16.54 -32.76 -42.85
C PRO A 78 -15.71 -33.42 -41.74
N ILE A 79 -14.41 -33.08 -41.67
CA ILE A 79 -13.54 -33.64 -40.64
C ILE A 79 -13.45 -32.64 -39.46
N SER A 80 -14.32 -32.88 -38.45
CA SER A 80 -14.43 -32.06 -37.25
C SER A 80 -14.91 -32.87 -36.04
N PHE A 81 -14.24 -32.66 -34.91
CA PHE A 81 -14.48 -33.31 -33.64
C PHE A 81 -15.37 -32.40 -32.77
N PRO A 82 -16.44 -32.91 -32.14
CA PRO A 82 -17.19 -32.05 -31.19
C PRO A 82 -16.33 -31.68 -29.98
N LEU A 83 -16.36 -30.39 -29.61
CA LEU A 83 -15.59 -29.87 -28.47
C LEU A 83 -15.97 -30.61 -27.18
N CYS A 84 -17.26 -30.96 -27.04
CA CYS A 84 -17.73 -31.67 -25.88
C CYS A 84 -17.96 -33.12 -26.22
N ALA A 85 -17.01 -33.97 -25.84
CA ALA A 85 -17.11 -35.41 -26.07
C ALA A 85 -16.46 -36.19 -24.93
N ASN A 86 -16.98 -37.38 -24.62
CA ASN A 86 -16.41 -38.27 -23.60
C ASN A 86 -16.12 -37.62 -22.23
N GLY A 87 -17.00 -36.72 -21.81
CA GLY A 87 -16.85 -36.05 -20.52
C GLY A 87 -15.76 -34.99 -20.49
N GLN A 88 -15.33 -34.49 -21.67
CA GLN A 88 -14.27 -33.51 -21.76
C GLN A 88 -14.53 -32.38 -22.76
N VAL A 89 -13.89 -31.21 -22.52
CA VAL A 89 -13.89 -30.03 -23.39
C VAL A 89 -12.47 -29.95 -23.97
N PHE A 90 -12.32 -29.98 -25.30
CA PHE A 90 -11.00 -29.94 -25.92
C PHE A 90 -10.27 -28.64 -25.60
N GLY A 91 -8.96 -28.73 -25.40
CA GLY A 91 -8.08 -27.60 -25.14
C GLY A 91 -6.65 -28.09 -25.07
N LEU A 92 -5.95 -27.68 -24.02
CA LEU A 92 -4.58 -28.12 -23.80
C LEU A 92 -4.53 -28.97 -22.54
N TYR A 93 -3.58 -29.94 -22.54
CA TYR A 93 -3.22 -30.83 -21.42
C TYR A 93 -4.32 -31.82 -21.02
N LYS A 94 -5.03 -32.35 -22.03
CA LYS A 94 -6.13 -33.30 -21.87
C LYS A 94 -5.70 -34.63 -21.27
N VAL A 103 -17.74 -31.28 -8.19
CA VAL A 103 -18.03 -30.25 -9.20
C VAL A 103 -19.48 -29.72 -9.07
N THR A 104 -20.41 -30.53 -8.51
CA THR A 104 -21.79 -30.11 -8.17
C THR A 104 -21.77 -28.87 -7.23
N ASP A 105 -20.76 -28.81 -6.33
CA ASP A 105 -20.58 -27.69 -5.41
C ASP A 105 -20.07 -26.45 -6.16
N PHE A 106 -19.12 -26.63 -7.09
CA PHE A 106 -18.61 -25.52 -7.90
C PHE A 106 -19.73 -24.88 -8.72
N ASN A 107 -20.61 -25.71 -9.29
CA ASN A 107 -21.72 -25.24 -10.14
C ASN A 107 -22.64 -24.29 -9.38
N ALA A 108 -22.96 -24.65 -8.13
CA ALA A 108 -23.81 -23.86 -7.24
C ALA A 108 -23.14 -22.53 -6.81
N ILE A 109 -21.82 -22.54 -6.59
CA ILE A 109 -21.08 -21.32 -6.22
C ILE A 109 -20.96 -20.37 -7.43
N ALA A 110 -20.75 -20.94 -8.63
CA ALA A 110 -20.58 -20.22 -9.88
C ALA A 110 -21.86 -19.55 -10.37
N THR A 111 -23.04 -20.10 -10.02
CA THR A 111 -24.33 -19.60 -10.54
C THR A 111 -25.31 -18.96 -9.52
N CYS A 112 -25.06 -19.09 -8.21
CA CYS A 112 -25.96 -18.51 -7.23
C CYS A 112 -25.91 -16.96 -7.16
N ASP A 113 -27.01 -16.34 -6.69
CA ASP A 113 -27.08 -14.88 -6.57
C ASP A 113 -26.60 -14.34 -5.19
N TRP A 114 -26.24 -15.25 -4.24
CA TRP A 114 -25.76 -14.98 -2.89
C TRP A 114 -26.84 -14.34 -1.98
N THR A 115 -28.12 -14.55 -2.29
CA THR A 115 -29.21 -14.03 -1.47
C THR A 115 -29.74 -15.09 -0.48
N ASN A 116 -29.36 -16.36 -0.63
CA ASN A 116 -29.80 -17.44 0.24
C ASN A 116 -28.72 -17.81 1.22
N ALA A 117 -29.12 -18.31 2.39
CA ALA A 117 -28.17 -18.75 3.40
C ALA A 117 -27.42 -20.01 2.93
N GLY A 118 -28.11 -20.88 2.17
CA GLY A 118 -27.52 -22.09 1.59
C GLY A 118 -26.30 -21.83 0.71
N ASP A 119 -26.19 -20.60 0.17
CA ASP A 119 -25.07 -20.17 -0.67
C ASP A 119 -23.80 -19.99 0.20
N TYR A 120 -23.98 -19.39 1.37
CA TYR A 120 -22.92 -19.15 2.35
C TYR A 120 -22.52 -20.45 3.04
N ILE A 121 -23.49 -21.37 3.26
CA ILE A 121 -23.24 -22.67 3.86
C ILE A 121 -22.30 -23.47 2.97
N LEU A 122 -22.62 -23.52 1.69
CA LEU A 122 -21.83 -24.19 0.68
C LEU A 122 -20.42 -23.57 0.55
N ALA A 123 -20.34 -22.23 0.54
CA ALA A 123 -19.05 -21.50 0.45
C ALA A 123 -18.08 -21.82 1.62
N ASN A 124 -18.57 -22.52 2.64
CA ASN A 124 -17.80 -22.87 3.82
C ASN A 124 -17.61 -24.36 4.03
N THR A 125 -18.50 -25.16 3.46
CA THR A 125 -18.42 -26.61 3.57
C THR A 125 -17.67 -27.24 2.39
N CYS A 126 -17.39 -26.46 1.33
CA CYS A 126 -16.70 -26.94 0.14
C CYS A 126 -15.16 -27.16 0.36
N THR A 127 -14.41 -27.54 -0.67
CA THR A 127 -12.96 -27.71 -0.60
C THR A 127 -12.29 -26.34 -0.40
N GLU A 128 -11.02 -26.35 -0.01
CA GLU A 128 -10.28 -25.11 0.23
C GLU A 128 -10.19 -24.22 -1.02
N ARG A 129 -9.94 -24.81 -2.21
CA ARG A 129 -9.89 -24.02 -3.45
C ARG A 129 -11.26 -23.44 -3.83
N LEU A 130 -12.34 -24.15 -3.46
CA LEU A 130 -13.68 -23.65 -3.71
C LEU A 130 -14.12 -22.59 -2.72
N LYS A 131 -13.52 -22.58 -1.52
CA LYS A 131 -13.77 -21.55 -0.53
C LYS A 131 -13.22 -20.22 -1.07
N LEU A 132 -12.03 -20.25 -1.73
CA LEU A 132 -11.45 -19.02 -2.30
C LEU A 132 -12.24 -18.55 -3.51
N PHE A 133 -12.73 -19.51 -4.33
CA PHE A 133 -13.52 -19.20 -5.51
C PHE A 133 -14.83 -18.57 -5.07
N ALA A 134 -15.48 -19.16 -4.04
CA ALA A 134 -16.72 -18.66 -3.48
C ALA A 134 -16.54 -17.27 -2.86
N ALA A 135 -15.44 -17.06 -2.11
CA ALA A 135 -15.19 -15.77 -1.47
C ALA A 135 -14.93 -14.63 -2.46
N GLU A 136 -14.26 -14.92 -3.59
CA GLU A 136 -13.96 -13.96 -4.66
C GLU A 136 -15.27 -13.63 -5.40
N THR A 137 -16.06 -14.68 -5.77
CA THR A 137 -17.32 -14.58 -6.53
C THR A 137 -18.34 -13.74 -5.75
N LEU A 138 -18.45 -14.01 -4.43
CA LEU A 138 -19.32 -13.31 -3.51
C LEU A 138 -18.93 -11.85 -3.41
N LYS A 139 -17.65 -11.56 -3.15
CA LYS A 139 -17.21 -10.18 -3.00
C LYS A 139 -17.38 -9.38 -4.27
N ALA A 140 -17.17 -10.02 -5.43
CA ALA A 140 -17.34 -9.36 -6.73
C ALA A 140 -18.83 -9.09 -6.94
N THR A 141 -19.71 -10.06 -6.57
CA THR A 141 -21.16 -9.89 -6.70
C THR A 141 -21.69 -8.78 -5.79
N GLU A 142 -21.10 -8.66 -4.58
CA GLU A 142 -21.44 -7.63 -3.61
C GLU A 142 -21.07 -6.23 -4.12
N GLU A 143 -19.96 -6.12 -4.89
CA GLU A 143 -19.48 -4.86 -5.46
C GLU A 143 -20.29 -4.47 -6.68
N THR A 144 -20.51 -5.42 -7.63
CA THR A 144 -21.36 -5.16 -8.81
C THR A 144 -22.83 -4.81 -8.41
N PHE A 145 -23.22 -5.17 -7.19
CA PHE A 145 -24.53 -4.84 -6.67
C PHE A 145 -24.60 -3.38 -6.22
N LYS A 146 -23.47 -2.79 -5.78
CA LYS A 146 -23.40 -1.37 -5.36
C LYS A 146 -23.73 -0.40 -6.49
N LEU A 147 -23.56 -0.82 -7.75
CA LEU A 147 -23.87 0.01 -8.91
C LEU A 147 -25.39 0.16 -9.15
N SER A 148 -26.22 -0.65 -8.46
CA SER A 148 -27.68 -0.67 -8.56
C SER A 148 -28.41 0.48 -7.85
N TYR A 149 -27.89 0.95 -6.70
CA TYR A 149 -28.53 2.02 -5.91
C TYR A 149 -28.49 3.40 -6.62
N GLY A 150 -29.35 4.34 -6.18
CA GLY A 150 -29.44 5.68 -6.77
C GLY A 150 -28.49 6.69 -6.17
N ILE A 151 -28.13 7.72 -6.95
CA ILE A 151 -27.22 8.80 -6.54
C ILE A 151 -27.98 9.83 -5.68
N ALA A 152 -27.30 10.42 -4.66
CA ALA A 152 -27.93 11.43 -3.82
C ALA A 152 -27.39 12.83 -4.14
N THR A 153 -28.26 13.72 -4.61
CA THR A 153 -27.97 15.11 -4.93
C THR A 153 -28.35 15.98 -3.69
N VAL A 154 -27.54 16.98 -3.29
CA VAL A 154 -27.89 17.82 -2.12
C VAL A 154 -28.97 18.88 -2.47
N ARG A 155 -30.07 18.91 -1.70
CA ARG A 155 -31.17 19.86 -1.88
C ARG A 155 -30.95 21.16 -1.05
N GLU A 156 -30.82 21.08 0.30
CA GLU A 156 -30.54 22.26 1.13
C GLU A 156 -29.56 21.93 2.32
N VAL A 157 -28.56 22.80 2.56
CA VAL A 157 -27.63 22.59 3.67
C VAL A 157 -28.20 23.41 4.83
N LEU A 158 -28.65 22.73 5.90
CA LEU A 158 -29.24 23.40 7.05
C LEU A 158 -28.15 23.77 8.07
N SER A 159 -27.31 22.79 8.41
CA SER A 159 -26.25 22.94 9.39
C SER A 159 -24.96 22.19 8.99
N ASP A 160 -23.95 22.17 9.90
CA ASP A 160 -22.68 21.48 9.71
C ASP A 160 -22.79 19.93 9.94
N ARG A 161 -23.95 19.48 10.43
CA ARG A 161 -24.26 18.08 10.65
C ARG A 161 -25.65 17.68 10.10
N GLU A 162 -26.38 18.58 9.41
CA GLU A 162 -27.70 18.23 8.85
C GLU A 162 -27.93 18.80 7.43
N LEU A 163 -28.55 18.02 6.53
CA LEU A 163 -28.88 18.46 5.17
C LEU A 163 -30.16 17.77 4.61
N HIS A 164 -30.63 18.22 3.44
CA HIS A 164 -31.75 17.65 2.74
C HIS A 164 -31.23 16.99 1.45
N LEU A 165 -31.75 15.80 1.10
CA LEU A 165 -31.28 15.08 -0.09
C LEU A 165 -32.37 14.76 -1.12
N SER A 166 -31.97 14.85 -2.39
CA SER A 166 -32.74 14.56 -3.59
C SER A 166 -32.18 13.23 -4.15
N TRP A 167 -33.01 12.19 -4.22
CA TRP A 167 -32.57 10.86 -4.67
C TRP A 167 -32.90 10.57 -6.11
N GLU A 168 -32.06 9.75 -6.75
CA GLU A 168 -32.25 9.35 -8.15
C GLU A 168 -33.51 8.53 -8.31
N VAL A 169 -34.35 8.90 -9.29
CA VAL A 169 -35.59 8.20 -9.57
C VAL A 169 -35.31 6.96 -10.41
N GLY A 170 -36.07 5.90 -10.19
CA GLY A 170 -35.90 4.67 -10.94
C GLY A 170 -34.93 3.69 -10.29
N LYS A 171 -34.01 4.20 -9.45
CA LYS A 171 -33.03 3.38 -8.74
C LYS A 171 -33.31 3.39 -7.24
N PRO A 172 -33.31 2.20 -6.59
CA PRO A 172 -33.61 2.14 -5.15
C PRO A 172 -32.66 2.93 -4.26
N ARG A 173 -33.16 3.30 -3.08
CA ARG A 173 -32.40 4.11 -2.15
C ARG A 173 -31.70 3.21 -1.15
N PRO A 174 -30.39 3.41 -0.98
CA PRO A 174 -29.62 2.57 -0.04
C PRO A 174 -30.00 2.79 1.42
N PRO A 175 -30.00 1.72 2.25
CA PRO A 175 -30.34 1.91 3.67
C PRO A 175 -29.39 2.92 4.31
N LEU A 176 -29.94 4.00 4.92
CA LEU A 176 -29.14 5.10 5.50
C LEU A 176 -28.67 4.85 6.93
N ASN A 177 -27.66 4.00 7.07
CA ASN A 177 -27.03 3.67 8.33
C ASN A 177 -25.49 3.80 8.17
N ARG A 178 -24.73 3.56 9.25
CA ARG A 178 -23.26 3.63 9.19
C ARG A 178 -22.62 2.58 8.28
N ASN A 179 -23.34 1.46 8.00
CA ASN A 179 -22.81 0.39 7.14
C ASN A 179 -22.60 0.87 5.69
N TYR A 180 -23.41 1.83 5.23
CA TYR A 180 -23.31 2.33 3.86
C TYR A 180 -22.50 3.63 3.77
N VAL A 181 -21.24 3.52 3.33
CA VAL A 181 -20.36 4.69 3.20
C VAL A 181 -20.28 5.22 1.75
N PHE A 182 -20.73 6.45 1.56
CA PHE A 182 -20.76 7.09 0.26
C PHE A 182 -19.51 7.88 0.02
N THR A 183 -19.10 7.97 -1.23
CA THR A 183 -17.99 8.81 -1.62
C THR A 183 -18.62 10.00 -2.32
N GLY A 184 -18.30 11.19 -1.82
CA GLY A 184 -18.86 12.42 -2.35
C GLY A 184 -17.94 13.09 -3.33
N TYR A 185 -18.54 13.88 -4.27
CA TYR A 185 -17.82 14.61 -5.32
C TYR A 185 -18.40 16.03 -5.54
N GLN A 194 -13.71 14.62 -5.61
CA GLN A 194 -13.44 13.92 -4.36
C GLN A 194 -13.54 14.85 -3.18
N ILE A 195 -14.66 14.79 -2.45
CA ILE A 195 -14.83 15.63 -1.25
C ILE A 195 -14.71 14.80 0.07
N GLY A 196 -14.18 13.57 -0.02
CA GLY A 196 -13.99 12.69 1.12
C GLY A 196 -15.12 11.71 1.33
N GLU A 197 -14.89 10.68 2.16
CA GLU A 197 -15.92 9.70 2.46
C GLU A 197 -16.99 10.32 3.38
N TYR A 198 -18.26 9.91 3.22
CA TYR A 198 -19.38 10.49 3.96
C TYR A 198 -20.41 9.42 4.36
N THR A 199 -21.01 9.58 5.55
CA THR A 199 -22.06 8.70 6.06
C THR A 199 -23.37 9.52 6.36
N PHE A 200 -24.58 8.84 6.37
CA PHE A 200 -25.92 9.46 6.60
C PHE A 200 -26.85 8.75 7.63
N GLU A 201 -27.67 9.52 8.40
CA GLU A 201 -28.63 9.00 9.42
C GLU A 201 -29.95 9.82 9.43
N LYS A 202 -31.11 9.16 9.41
CA LYS A 202 -32.39 9.89 9.46
C LYS A 202 -32.71 10.41 10.88
N ASP A 207 -38.00 14.57 7.63
CA ASP A 207 -37.32 14.84 6.36
C ASP A 207 -35.84 15.20 6.54
N ALA A 208 -35.41 15.59 7.75
CA ALA A 208 -34.03 15.98 8.00
C ALA A 208 -33.07 14.81 8.11
N VAL A 209 -31.96 14.86 7.35
CA VAL A 209 -30.95 13.80 7.39
C VAL A 209 -29.61 14.34 7.93
N VAL A 210 -29.00 13.56 8.81
CA VAL A 210 -27.75 13.90 9.47
C VAL A 210 -26.53 13.43 8.62
N TYR A 211 -25.55 14.33 8.34
CA TYR A 211 -24.37 14.00 7.52
C TYR A 211 -23.05 13.96 8.32
N ARG A 212 -22.18 13.00 7.99
CA ARG A 212 -20.90 12.87 8.68
C ARG A 212 -19.74 12.71 7.69
N GLY A 213 -18.94 13.75 7.57
CA GLY A 213 -17.79 13.73 6.68
C GLY A 213 -16.51 13.27 7.33
N THR A 214 -15.85 12.31 6.70
CA THR A 214 -14.54 11.84 7.18
C THR A 214 -13.52 13.02 7.13
N THR A 215 -13.69 13.91 6.15
CA THR A 215 -12.95 15.16 5.97
C THR A 215 -13.95 16.30 6.22
N THR A 216 -13.58 17.32 7.00
CA THR A 216 -14.48 18.45 7.26
C THR A 216 -14.57 19.36 6.03
N TYR A 217 -15.73 19.37 5.39
CA TYR A 217 -15.92 20.15 4.17
C TYR A 217 -17.21 20.92 4.19
N LYS A 218 -17.18 22.15 3.68
CA LYS A 218 -18.36 23.01 3.57
C LYS A 218 -19.28 22.40 2.51
N LEU A 219 -20.24 21.53 2.94
CA LEU A 219 -21.17 20.83 2.04
C LEU A 219 -21.88 21.77 1.06
N ASN A 220 -21.51 21.70 -0.23
CA ASN A 220 -22.08 22.53 -1.30
C ASN A 220 -23.40 21.93 -1.82
N VAL A 221 -24.34 22.78 -2.24
CA VAL A 221 -25.63 22.33 -2.78
C VAL A 221 -25.47 21.83 -4.22
N GLY A 222 -26.20 20.77 -4.57
CA GLY A 222 -26.08 20.18 -5.89
C GLY A 222 -25.02 19.09 -5.93
N ASP A 223 -24.06 19.10 -4.96
CA ASP A 223 -23.00 18.08 -4.84
C ASP A 223 -23.62 16.68 -4.75
N TYR A 224 -22.91 15.63 -5.23
CA TYR A 224 -23.48 14.28 -5.24
C TYR A 224 -22.65 13.22 -4.48
N PHE A 225 -23.35 12.23 -3.89
CA PHE A 225 -22.72 11.13 -3.14
C PHE A 225 -23.07 9.81 -3.80
N VAL A 226 -22.08 8.90 -3.96
CA VAL A 226 -22.24 7.57 -4.59
C VAL A 226 -21.52 6.49 -3.73
N LEU A 227 -22.14 5.30 -3.45
CA LEU A 227 -21.47 4.25 -2.67
C LEU A 227 -20.18 3.79 -3.30
N THR A 228 -19.11 3.70 -2.50
CA THR A 228 -17.77 3.29 -2.94
C THR A 228 -17.71 1.83 -3.51
N SER A 229 -17.53 1.68 -4.82
CA SER A 229 -17.43 0.37 -5.44
C SER A 229 -15.97 0.02 -5.75
N HIS A 230 -15.33 -0.86 -4.95
CA HIS A 230 -13.92 -1.23 -5.15
C HIS A 230 -13.69 -2.57 -5.84
N THR A 231 -12.57 -2.68 -6.57
CA THR A 231 -12.17 -3.87 -7.34
C THR A 231 -11.78 -5.01 -6.40
N VAL A 232 -12.31 -6.22 -6.69
CA VAL A 232 -12.04 -7.45 -5.93
C VAL A 232 -10.87 -8.16 -6.53
N MET A 233 -9.77 -8.20 -5.78
CA MET A 233 -8.57 -8.88 -6.22
C MET A 233 -8.70 -10.39 -6.03
N PRO A 234 -7.99 -11.17 -6.84
CA PRO A 234 -8.09 -12.64 -6.70
C PRO A 234 -7.38 -13.14 -5.43
N LEU A 235 -7.85 -14.29 -4.93
CA LEU A 235 -7.34 -14.93 -3.74
C LEU A 235 -6.34 -16.02 -4.14
N SER A 236 -5.20 -16.08 -3.45
CA SER A 236 -4.16 -17.06 -3.74
C SER A 236 -3.94 -18.02 -2.56
N ALA A 237 -3.79 -17.45 -1.37
CA ALA A 237 -3.56 -18.18 -0.12
C ALA A 237 -4.83 -18.84 0.44
N PRO A 238 -4.73 -19.99 1.13
CA PRO A 238 -5.93 -20.60 1.75
C PRO A 238 -6.50 -19.77 2.91
N THR A 239 -7.74 -20.06 3.33
CA THR A 239 -8.34 -19.35 4.49
C THR A 239 -7.57 -19.71 5.78
N LEU A 240 -7.19 -21.00 5.88
CA LEU A 240 -6.40 -21.60 6.94
C LEU A 240 -5.25 -22.34 6.30
N VAL A 241 -4.01 -22.08 6.75
CA VAL A 241 -2.88 -22.86 6.23
C VAL A 241 -3.05 -24.34 6.71
N PRO A 242 -2.39 -25.35 6.09
CA PRO A 242 -2.56 -26.72 6.61
C PRO A 242 -2.02 -26.79 8.04
N GLN A 243 -2.76 -27.44 8.94
CA GLN A 243 -2.38 -27.56 10.35
C GLN A 243 -1.10 -28.37 10.57
N GLU A 244 -0.24 -27.92 11.47
CA GLU A 244 0.97 -28.65 11.83
C GLU A 244 1.04 -28.77 13.34
N HIS A 245 1.31 -29.96 13.86
CA HIS A 245 1.46 -30.15 15.29
C HIS A 245 2.93 -30.45 15.56
N TYR A 246 3.50 -29.84 16.58
CA TYR A 246 4.91 -30.01 16.93
C TYR A 246 5.06 -30.62 18.32
N VAL A 247 6.20 -31.26 18.58
CA VAL A 247 6.50 -31.89 19.88
C VAL A 247 7.11 -30.89 20.88
N ARG A 248 7.68 -29.80 20.39
CA ARG A 248 8.25 -28.73 21.18
C ARG A 248 7.74 -27.39 20.66
N ILE A 249 7.91 -26.31 21.43
CA ILE A 249 7.56 -24.96 20.98
C ILE A 249 8.57 -24.61 19.86
N THR A 250 8.05 -24.23 18.69
CA THR A 250 8.86 -24.01 17.50
C THR A 250 9.07 -22.54 17.10
N GLY A 251 10.31 -22.11 17.03
CA GLY A 251 10.64 -20.75 16.60
C GLY A 251 10.27 -19.62 17.53
N LEU A 252 9.83 -19.99 18.73
CA LEU A 252 9.43 -19.06 19.76
C LEU A 252 10.26 -19.37 20.99
N TYR A 253 10.64 -18.32 21.74
CA TYR A 253 11.46 -18.52 22.92
C TYR A 253 10.76 -17.94 24.18
N PRO A 254 10.26 -18.84 25.06
CA PRO A 254 9.51 -18.38 26.24
C PRO A 254 10.34 -17.73 27.35
N THR A 255 9.70 -16.87 28.16
CA THR A 255 10.37 -16.33 29.34
C THR A 255 10.25 -17.43 30.41
N LEU A 256 11.06 -17.30 31.43
CA LEU A 256 10.92 -18.09 32.63
C LEU A 256 10.32 -17.20 33.74
N ASN A 257 10.57 -15.88 33.65
CA ASN A 257 10.16 -14.74 34.44
C ASN A 257 8.86 -14.18 33.80
N ILE A 258 7.73 -14.93 33.88
CA ILE A 258 6.45 -14.45 33.32
C ILE A 258 5.52 -13.91 34.46
N SER A 259 5.03 -12.65 34.34
CA SER A 259 4.23 -11.99 35.37
C SER A 259 3.00 -12.81 35.79
N ASP A 260 2.66 -12.77 37.07
CA ASP A 260 1.53 -13.54 37.60
C ASP A 260 0.18 -13.21 36.94
N GLU A 261 0.08 -11.98 36.39
CA GLU A 261 -1.07 -11.46 35.65
C GLU A 261 -1.43 -12.41 34.48
N PHE A 262 -0.41 -13.02 33.86
CA PHE A 262 -0.58 -13.88 32.68
C PHE A 262 -0.36 -15.35 32.91
N SER A 263 -0.15 -15.76 34.17
CA SER A 263 0.06 -17.14 34.62
C SER A 263 -1.05 -18.07 34.18
N SER A 264 -2.29 -17.56 34.17
CA SER A 264 -3.46 -18.35 33.80
C SER A 264 -3.44 -18.80 32.33
N ASN A 265 -2.68 -18.11 31.47
CA ASN A 265 -2.65 -18.48 30.06
C ASN A 265 -1.37 -19.19 29.65
N VAL A 266 -0.44 -19.50 30.57
CA VAL A 266 0.83 -20.14 30.19
C VAL A 266 0.63 -21.48 29.45
N ALA A 267 -0.30 -22.35 29.88
CA ALA A 267 -0.50 -23.61 29.17
C ALA A 267 -0.98 -23.36 27.71
N ASN A 268 -1.89 -22.39 27.54
CA ASN A 268 -2.42 -21.99 26.24
C ASN A 268 -1.34 -21.35 25.35
N TYR A 269 -0.44 -20.52 25.93
CA TYR A 269 0.66 -19.90 25.19
C TYR A 269 1.62 -20.97 24.66
N GLN A 270 1.83 -22.03 25.44
CA GLN A 270 2.69 -23.14 25.05
C GLN A 270 2.05 -23.92 23.92
N LYS A 271 0.72 -24.13 23.98
CA LYS A 271 -0.07 -24.77 22.91
C LYS A 271 0.10 -23.97 21.62
N VAL A 272 0.14 -22.62 21.71
CA VAL A 272 0.32 -21.69 20.58
C VAL A 272 1.66 -21.97 19.84
N GLY A 273 2.75 -22.22 20.59
CA GLY A 273 4.05 -22.52 20.01
C GLY A 273 4.21 -23.96 19.52
N MET A 274 3.25 -24.84 19.84
CA MET A 274 3.32 -26.25 19.46
C MET A 274 2.38 -26.68 18.35
N GLN A 275 1.78 -25.71 17.65
CA GLN A 275 0.85 -25.89 16.53
C GLN A 275 1.12 -24.78 15.48
N LYS A 276 0.81 -24.99 14.20
CA LYS A 276 0.96 -23.94 13.19
C LYS A 276 -0.08 -22.83 13.45
N TYR A 277 -1.32 -23.23 13.71
CA TYR A 277 -2.38 -22.29 14.02
C TYR A 277 -3.22 -22.79 15.20
N SER A 278 -3.76 -21.85 15.97
CA SER A 278 -4.62 -22.21 17.11
C SER A 278 -5.84 -21.30 17.19
N THR A 279 -6.98 -21.84 17.66
CA THR A 279 -8.21 -21.07 17.81
C THR A 279 -8.53 -20.82 19.30
N LEU A 280 -8.87 -19.57 19.62
CA LEU A 280 -9.25 -19.21 20.98
C LEU A 280 -10.71 -18.68 21.00
N GLN A 281 -11.62 -19.39 21.68
CA GLN A 281 -12.98 -18.89 21.86
C GLN A 281 -13.01 -18.17 23.19
N GLY A 282 -13.22 -16.87 23.12
CA GLY A 282 -13.32 -16.05 24.30
C GLY A 282 -14.66 -15.34 24.37
N PRO A 283 -15.59 -15.89 25.18
CA PRO A 283 -16.87 -15.19 25.41
C PRO A 283 -16.66 -13.75 25.93
N PRO A 284 -17.73 -12.93 26.01
CA PRO A 284 -17.54 -11.53 26.42
C PRO A 284 -16.83 -11.37 27.77
N GLY A 285 -15.80 -10.52 27.82
CA GLY A 285 -15.07 -10.21 29.05
C GLY A 285 -14.30 -11.32 29.73
N THR A 286 -13.94 -12.37 28.97
CA THR A 286 -13.15 -13.51 29.49
C THR A 286 -11.63 -13.33 29.41
N GLY A 287 -11.17 -12.29 28.74
CA GLY A 287 -9.74 -12.01 28.66
C GLY A 287 -9.07 -12.17 27.31
N LYS A 288 -9.78 -11.91 26.18
CA LYS A 288 -9.18 -12.02 24.86
C LYS A 288 -8.01 -11.04 24.63
N SER A 289 -8.16 -9.73 24.93
CA SER A 289 -7.08 -8.75 24.71
C SER A 289 -5.89 -9.07 25.60
N HIS A 290 -6.19 -9.47 26.85
CA HIS A 290 -5.24 -9.84 27.87
C HIS A 290 -4.44 -11.05 27.39
N PHE A 291 -5.12 -12.04 26.81
CA PHE A 291 -4.48 -13.22 26.26
C PHE A 291 -3.56 -12.81 25.09
N ALA A 292 -4.13 -12.08 24.11
CA ALA A 292 -3.40 -11.59 22.93
C ALA A 292 -2.13 -10.80 23.30
N ILE A 293 -2.21 -9.83 24.22
CA ILE A 293 -1.04 -9.03 24.61
C ILE A 293 -0.04 -9.83 25.49
N GLY A 294 -0.57 -10.74 26.30
CA GLY A 294 0.25 -11.59 27.15
C GLY A 294 1.10 -12.60 26.39
N LEU A 295 0.66 -12.94 25.20
CA LEU A 295 1.38 -13.82 24.30
C LEU A 295 2.74 -13.16 23.93
N ALA A 296 2.78 -11.82 23.81
CA ALA A 296 4.01 -11.06 23.54
C ALA A 296 4.94 -11.10 24.75
N LEU A 297 4.38 -11.02 25.96
CA LEU A 297 5.19 -11.08 27.17
C LEU A 297 5.72 -12.51 27.39
N TYR A 298 4.96 -13.54 26.98
CA TYR A 298 5.41 -14.91 27.10
C TYR A 298 6.51 -15.24 26.10
N TYR A 299 6.44 -14.75 24.86
CA TYR A 299 7.50 -14.95 23.86
C TYR A 299 8.08 -13.57 23.59
N PRO A 300 8.98 -13.08 24.47
CA PRO A 300 9.38 -11.66 24.40
C PRO A 300 10.20 -11.22 23.22
N SER A 301 10.86 -12.16 22.52
CA SER A 301 11.69 -11.90 21.34
C SER A 301 10.89 -11.94 20.01
N ALA A 302 9.73 -12.62 20.03
CA ALA A 302 8.82 -12.80 18.89
C ALA A 302 8.24 -11.51 18.31
N ARG A 303 8.27 -11.42 17.00
CA ARG A 303 7.67 -10.33 16.26
C ARG A 303 6.20 -10.72 16.05
N ILE A 304 5.27 -9.88 16.55
CA ILE A 304 3.86 -10.17 16.48
C ILE A 304 3.10 -9.13 15.71
N VAL A 305 2.34 -9.61 14.73
CA VAL A 305 1.47 -8.76 13.97
C VAL A 305 0.05 -9.01 14.50
N TYR A 306 -0.57 -7.94 14.98
CA TYR A 306 -1.91 -7.93 15.53
C TYR A 306 -2.79 -7.33 14.46
N THR A 307 -3.77 -8.11 14.05
CA THR A 307 -4.70 -7.71 13.01
C THR A 307 -6.14 -8.04 13.43
N ALA A 308 -7.09 -7.35 12.79
CA ALA A 308 -8.55 -7.52 12.90
C ALA A 308 -9.20 -6.81 11.69
N CYS A 309 -10.50 -7.05 11.41
CA CYS A 309 -11.14 -6.41 10.25
C CYS A 309 -11.36 -4.94 10.45
N SER A 310 -11.79 -4.55 11.67
CA SER A 310 -12.12 -3.16 11.98
C SER A 310 -11.01 -2.36 12.64
N HIS A 311 -11.06 -1.04 12.48
CA HIS A 311 -10.15 -0.14 13.16
C HIS A 311 -10.41 -0.15 14.66
N ALA A 312 -11.68 -0.31 15.09
CA ALA A 312 -12.01 -0.37 16.53
C ALA A 312 -11.36 -1.59 17.22
N ALA A 313 -11.38 -2.76 16.56
CA ALA A 313 -10.77 -3.96 17.15
C ALA A 313 -9.26 -3.87 17.21
N VAL A 314 -8.64 -3.25 16.19
CA VAL A 314 -7.19 -3.07 16.16
C VAL A 314 -6.75 -2.06 17.24
N ASP A 315 -7.58 -0.99 17.45
CA ASP A 315 -7.38 0.06 18.48
C ASP A 315 -7.54 -0.51 19.89
N ALA A 316 -8.50 -1.42 20.09
CA ALA A 316 -8.67 -2.06 21.39
C ALA A 316 -7.44 -2.91 21.76
N LEU A 317 -6.77 -3.52 20.74
CA LEU A 317 -5.53 -4.26 20.96
C LEU A 317 -4.36 -3.29 21.28
N CYS A 318 -4.33 -2.11 20.63
CA CYS A 318 -3.34 -1.05 20.87
C CYS A 318 -3.48 -0.53 22.31
N GLU A 319 -4.74 -0.37 22.79
CA GLU A 319 -5.03 0.09 24.14
C GLU A 319 -4.44 -0.88 25.17
N LYS A 320 -4.67 -2.19 24.99
CA LYS A 320 -4.13 -3.20 25.89
C LYS A 320 -2.59 -3.28 25.78
N ALA A 321 -2.02 -3.13 24.57
CA ALA A 321 -0.56 -3.16 24.37
C ALA A 321 0.14 -1.96 24.96
N LEU A 322 -0.52 -0.80 24.96
CA LEU A 322 0.03 0.42 25.53
C LEU A 322 0.34 0.24 27.03
N LYS A 323 -0.51 -0.54 27.73
CA LYS A 323 -0.40 -0.86 29.15
C LYS A 323 0.75 -1.84 29.50
N TYR A 324 1.06 -2.83 28.62
CA TYR A 324 2.05 -3.86 28.97
C TYR A 324 3.30 -3.96 28.11
N LEU A 325 3.20 -3.55 26.86
CA LEU A 325 4.32 -3.66 25.91
C LEU A 325 5.04 -2.34 25.72
N PRO A 326 6.37 -2.38 25.43
CA PRO A 326 7.13 -1.12 25.26
C PRO A 326 6.69 -0.31 24.04
N ILE A 327 6.31 0.97 24.24
CA ILE A 327 5.77 1.85 23.19
C ILE A 327 6.71 2.02 21.98
N ASP A 328 8.03 1.93 22.17
CA ASP A 328 8.99 2.08 21.07
C ASP A 328 9.06 0.87 20.13
N LYS A 329 8.54 -0.29 20.56
CA LYS A 329 8.52 -1.46 19.70
C LYS A 329 7.15 -1.69 19.07
N CYS A 330 6.22 -0.71 19.18
CA CYS A 330 4.88 -0.74 18.61
C CYS A 330 4.70 0.26 17.50
N SER A 331 3.90 -0.15 16.52
CA SER A 331 3.53 0.72 15.43
C SER A 331 2.13 0.43 14.96
N ARG A 332 1.32 1.49 14.79
CA ARG A 332 -0.03 1.38 14.26
C ARG A 332 0.04 1.69 12.74
N ILE A 333 -0.32 0.73 11.87
CA ILE A 333 -0.29 0.92 10.40
C ILE A 333 -1.61 1.53 10.00
N ILE A 334 -1.56 2.75 9.44
CA ILE A 334 -2.74 3.50 9.01
C ILE A 334 -2.70 3.76 7.52
N PRO A 335 -3.70 3.23 6.78
CA PRO A 335 -3.75 3.48 5.32
C PRO A 335 -4.03 4.95 5.01
N ALA A 336 -3.25 5.50 4.07
CA ALA A 336 -3.32 6.89 3.64
C ALA A 336 -4.76 7.36 3.36
N ARG A 337 -5.63 6.47 2.83
CA ARG A 337 -7.04 6.81 2.59
C ARG A 337 -7.83 6.62 3.90
N ALA A 338 -7.44 7.38 4.94
CA ALA A 338 -8.00 7.35 6.30
C ALA A 338 -9.49 7.73 6.31
N ARG A 339 -10.32 6.78 6.77
CA ARG A 339 -11.78 6.90 6.82
C ARG A 339 -12.28 7.29 8.23
N VAL A 340 -11.72 6.71 9.29
CA VAL A 340 -12.07 7.08 10.67
C VAL A 340 -10.81 7.34 11.51
N GLU A 341 -10.97 8.15 12.56
CA GLU A 341 -9.92 8.49 13.52
C GLU A 341 -9.58 7.23 14.31
N CYS A 342 -8.31 6.82 14.28
CA CYS A 342 -7.88 5.63 15.00
C CYS A 342 -6.67 5.91 15.96
N PHE A 343 -6.18 4.88 16.65
CA PHE A 343 -5.11 4.91 17.65
C PHE A 343 -3.95 5.82 17.28
N ASP A 344 -3.69 6.85 18.11
CA ASP A 344 -2.66 7.87 17.89
C ASP A 344 -1.45 7.82 18.82
N LYS A 345 -1.25 6.77 19.64
CA LYS A 345 -0.13 6.77 20.61
C LYS A 345 1.11 5.99 20.18
N PHE A 346 1.04 5.20 19.09
CA PHE A 346 2.23 4.48 18.60
C PHE A 346 2.80 5.24 17.41
N LYS A 347 4.08 4.99 17.05
CA LYS A 347 4.67 5.57 15.84
C LYS A 347 3.90 4.98 14.64
N VAL A 348 3.43 5.84 13.73
CA VAL A 348 2.59 5.39 12.62
C VAL A 348 3.39 4.93 11.38
N ASN A 349 2.91 3.81 10.76
CA ASN A 349 3.37 3.20 9.51
C ASN A 349 4.82 2.71 9.52
N SER A 350 5.35 2.36 10.71
CA SER A 350 6.69 1.79 10.82
C SER A 350 6.50 0.28 10.82
N THR A 351 6.36 -0.24 9.65
CA THR A 351 6.14 -1.64 9.31
C THR A 351 7.10 -2.65 10.01
N LEU A 352 8.33 -2.22 10.33
CA LEU A 352 9.35 -3.11 10.87
C LEU A 352 9.47 -3.15 12.40
N GLU A 353 8.54 -2.49 13.14
CA GLU A 353 8.58 -2.57 14.61
C GLU A 353 8.14 -3.98 15.05
N GLN A 354 8.66 -4.46 16.20
CA GLN A 354 8.37 -5.79 16.71
C GLN A 354 6.87 -6.10 16.83
N TYR A 355 6.08 -5.08 17.17
CA TYR A 355 4.63 -5.17 17.32
C TYR A 355 3.96 -4.26 16.32
N VAL A 356 3.22 -4.88 15.39
CA VAL A 356 2.56 -4.13 14.35
C VAL A 356 1.06 -4.33 14.48
N PHE A 357 0.33 -3.23 14.60
CA PHE A 357 -1.13 -3.28 14.76
C PHE A 357 -1.71 -2.70 13.50
N CYS A 358 -2.55 -3.49 12.80
CA CYS A 358 -3.05 -3.10 11.51
C CYS A 358 -4.34 -3.83 11.12
N THR A 359 -5.29 -3.13 10.45
CA THR A 359 -6.50 -3.81 9.95
C THR A 359 -6.14 -4.78 8.78
N VAL A 360 -7.00 -5.77 8.47
CA VAL A 360 -6.72 -6.75 7.42
C VAL A 360 -6.48 -6.09 6.04
N ASN A 361 -7.35 -5.14 5.61
CA ASN A 361 -7.22 -4.49 4.29
C ASN A 361 -5.99 -3.60 4.16
N ALA A 362 -5.28 -3.28 5.27
CA ALA A 362 -4.08 -2.42 5.26
C ALA A 362 -2.76 -3.18 5.50
N LEU A 363 -2.81 -4.51 5.69
CA LEU A 363 -1.62 -5.29 6.01
C LEU A 363 -0.55 -5.17 4.95
N PRO A 364 0.72 -5.00 5.38
CA PRO A 364 1.81 -5.01 4.40
C PRO A 364 2.24 -6.45 4.06
N GLU A 365 3.13 -6.59 3.05
CA GLU A 365 3.71 -7.88 2.65
C GLU A 365 4.87 -8.08 3.63
N THR A 366 4.67 -8.88 4.69
CA THR A 366 5.70 -9.04 5.71
C THR A 366 5.70 -10.47 6.35
N THR A 367 6.68 -10.73 7.22
CA THR A 367 6.77 -11.96 7.95
C THR A 367 6.55 -11.70 9.45
N ALA A 368 6.26 -12.74 10.21
CA ALA A 368 6.03 -12.62 11.65
C ALA A 368 6.30 -13.92 12.37
N ASP A 369 6.68 -13.85 13.64
CA ASP A 369 6.87 -15.08 14.43
C ASP A 369 5.45 -15.57 14.85
N ILE A 370 4.52 -14.62 15.17
CA ILE A 370 3.13 -14.88 15.50
C ILE A 370 2.25 -13.83 14.81
N VAL A 371 1.11 -14.28 14.29
CA VAL A 371 0.08 -13.41 13.78
C VAL A 371 -1.15 -13.64 14.67
N VAL A 372 -1.70 -12.57 15.26
CA VAL A 372 -2.89 -12.66 16.09
C VAL A 372 -4.01 -11.97 15.30
N PHE A 373 -5.03 -12.73 14.91
CA PHE A 373 -6.19 -12.22 14.18
C PHE A 373 -7.34 -12.21 15.17
N ASP A 374 -7.72 -11.01 15.61
CA ASP A 374 -8.76 -10.78 16.62
C ASP A 374 -10.13 -10.58 16.00
N GLU A 375 -11.19 -10.70 16.84
CA GLU A 375 -12.62 -10.55 16.48
C GLU A 375 -12.92 -11.39 15.23
N ILE A 376 -12.64 -12.71 15.35
CA ILE A 376 -12.72 -13.66 14.25
C ILE A 376 -14.14 -13.93 13.75
N SER A 377 -15.20 -13.72 14.56
CA SER A 377 -16.56 -13.89 14.04
C SER A 377 -16.89 -12.82 12.95
N MET A 378 -16.24 -11.65 12.99
CA MET A 378 -16.41 -10.56 12.02
C MET A 378 -15.68 -10.78 10.70
N ALA A 379 -14.70 -11.69 10.66
CA ALA A 379 -13.96 -11.96 9.45
C ALA A 379 -14.77 -12.81 8.49
N THR A 380 -14.50 -12.62 7.21
CA THR A 380 -15.05 -13.43 6.11
C THR A 380 -13.90 -14.35 5.65
N ASN A 381 -14.22 -15.32 4.78
CA ASN A 381 -13.16 -16.15 4.19
C ASN A 381 -12.24 -15.35 3.28
N TYR A 382 -12.75 -14.23 2.70
CA TYR A 382 -11.97 -13.33 1.89
C TYR A 382 -10.84 -12.72 2.76
N ASP A 383 -11.19 -12.21 3.97
CA ASP A 383 -10.21 -11.68 4.95
C ASP A 383 -9.21 -12.74 5.46
N LEU A 384 -9.70 -13.96 5.76
CA LEU A 384 -8.88 -15.09 6.23
C LEU A 384 -7.77 -15.39 5.22
N SER A 385 -8.14 -15.43 3.93
CA SER A 385 -7.23 -15.68 2.82
C SER A 385 -6.25 -14.51 2.62
N VAL A 386 -6.73 -13.23 2.70
CA VAL A 386 -5.89 -12.04 2.54
C VAL A 386 -4.76 -12.05 3.57
N VAL A 387 -5.07 -12.36 4.83
CA VAL A 387 -4.09 -12.43 5.91
C VAL A 387 -3.02 -13.50 5.58
N ASN A 388 -3.45 -14.69 5.12
CA ASN A 388 -2.51 -15.74 4.77
C ASN A 388 -1.60 -15.36 3.56
N ALA A 389 -2.11 -14.48 2.67
CA ALA A 389 -1.38 -13.99 1.50
C ALA A 389 -0.37 -12.87 1.85
N ARG A 390 -0.72 -11.95 2.77
CA ARG A 390 0.19 -10.86 3.11
C ARG A 390 1.19 -11.23 4.22
N LEU A 391 0.81 -12.15 5.11
CA LEU A 391 1.67 -12.50 6.23
C LEU A 391 2.18 -13.95 6.24
N ARG A 392 3.51 -14.10 6.22
CA ARG A 392 4.17 -15.40 6.32
C ARG A 392 4.61 -15.55 7.76
N ALA A 393 3.91 -16.36 8.56
CA ALA A 393 4.19 -16.49 9.98
C ALA A 393 4.54 -17.89 10.47
N LYS A 394 5.33 -17.98 11.57
CA LYS A 394 5.63 -19.28 12.16
C LYS A 394 4.35 -19.81 12.87
N HIS A 395 3.54 -18.90 13.48
CA HIS A 395 2.31 -19.27 14.18
C HIS A 395 1.18 -18.31 13.91
N TYR A 396 -0.05 -18.82 13.80
CA TYR A 396 -1.25 -18.01 13.57
C TYR A 396 -2.24 -18.27 14.70
N VAL A 397 -2.75 -17.20 15.37
CA VAL A 397 -3.69 -17.35 16.47
C VAL A 397 -4.96 -16.60 16.11
N TYR A 398 -6.10 -17.28 16.12
CA TYR A 398 -7.40 -16.73 15.80
C TYR A 398 -8.18 -16.59 17.07
N ILE A 399 -8.49 -15.36 17.44
CA ILE A 399 -9.22 -15.05 18.67
C ILE A 399 -10.59 -14.42 18.34
N GLY A 400 -11.61 -14.92 18.99
CA GLY A 400 -12.95 -14.39 18.81
C GLY A 400 -13.97 -15.27 19.46
N ASP A 401 -15.20 -15.20 18.97
CA ASP A 401 -16.29 -15.96 19.55
C ASP A 401 -17.38 -16.15 18.52
N PRO A 402 -17.62 -17.42 18.11
CA PRO A 402 -18.70 -17.67 17.15
C PRO A 402 -20.11 -17.40 17.69
N ALA A 403 -20.25 -17.14 19.01
CA ALA A 403 -21.51 -16.72 19.64
C ALA A 403 -21.69 -15.16 19.59
N GLN A 404 -20.76 -14.45 18.95
CA GLN A 404 -20.89 -13.03 18.75
C GLN A 404 -21.25 -12.74 17.28
N LEU A 405 -21.42 -11.47 16.94
CA LEU A 405 -21.88 -11.07 15.61
C LEU A 405 -20.88 -11.25 14.47
N PRO A 406 -21.40 -11.76 13.32
CA PRO A 406 -20.57 -11.89 12.13
C PRO A 406 -20.56 -10.60 11.28
N ALA A 407 -19.75 -10.58 10.20
CA ALA A 407 -19.73 -9.46 9.25
C ALA A 407 -21.09 -9.41 8.56
N PRO A 408 -21.59 -8.20 8.27
CA PRO A 408 -22.90 -8.09 7.60
C PRO A 408 -22.83 -8.64 6.18
N ARG A 409 -23.80 -9.46 5.80
CA ARG A 409 -23.83 -10.02 4.44
C ARG A 409 -24.91 -9.25 3.70
N THR A 410 -24.52 -8.14 3.04
CA THR A 410 -25.44 -7.23 2.33
C THR A 410 -26.35 -7.92 1.30
N LEU A 411 -25.89 -9.01 0.64
CA LEU A 411 -26.73 -9.67 -0.34
C LEU A 411 -27.69 -10.67 0.28
N LEU A 412 -27.38 -11.21 1.46
CA LEU A 412 -28.19 -12.23 2.12
C LEU A 412 -29.53 -11.71 2.64
N THR A 413 -30.63 -12.22 2.07
CA THR A 413 -31.97 -11.80 2.48
C THR A 413 -32.86 -12.99 2.88
N LYS A 414 -32.54 -14.19 2.41
CA LYS A 414 -33.33 -15.37 2.70
C LYS A 414 -32.55 -16.39 3.53
N GLY A 415 -33.01 -16.64 4.74
CA GLY A 415 -32.39 -17.60 5.63
C GLY A 415 -31.47 -16.94 6.63
N THR A 416 -31.20 -17.67 7.71
CA THR A 416 -30.31 -17.16 8.74
C THR A 416 -28.99 -17.92 8.62
N LEU A 417 -27.90 -17.17 8.71
CA LEU A 417 -26.55 -17.73 8.68
C LEU A 417 -26.08 -18.17 10.08
N GLU A 418 -25.95 -19.47 10.30
CA GLU A 418 -25.50 -20.02 11.55
C GLU A 418 -23.99 -19.79 11.80
N PRO A 419 -23.54 -19.70 13.10
CA PRO A 419 -22.10 -19.43 13.40
C PRO A 419 -21.05 -20.34 12.78
N GLU A 420 -21.39 -21.62 12.57
CA GLU A 420 -20.46 -22.52 11.91
C GLU A 420 -20.19 -22.14 10.45
N TYR A 421 -20.91 -21.17 9.90
CA TYR A 421 -20.75 -20.76 8.52
C TYR A 421 -20.22 -19.33 8.34
N PHE A 422 -19.80 -18.66 9.44
CA PHE A 422 -19.30 -17.29 9.38
C PHE A 422 -18.01 -17.22 8.57
N ASN A 423 -17.11 -18.17 8.82
CA ASN A 423 -15.81 -18.32 8.15
C ASN A 423 -15.22 -19.69 8.56
N SER A 424 -14.03 -20.03 8.03
CA SER A 424 -13.38 -21.31 8.31
C SER A 424 -13.03 -21.51 9.77
N VAL A 425 -12.54 -20.43 10.43
CA VAL A 425 -12.16 -20.49 11.84
C VAL A 425 -13.40 -20.79 12.68
N CYS A 426 -14.51 -20.06 12.41
CA CYS A 426 -15.78 -20.25 13.12
C CYS A 426 -16.36 -21.62 12.87
N ARG A 427 -16.19 -22.15 11.67
CA ARG A 427 -16.62 -23.51 11.34
C ARG A 427 -15.86 -24.53 12.24
N LEU A 428 -14.53 -24.36 12.38
CA LEU A 428 -13.75 -25.23 13.23
C LEU A 428 -14.17 -25.12 14.69
N MET A 429 -14.35 -23.88 15.22
CA MET A 429 -14.74 -23.69 16.61
C MET A 429 -16.12 -24.28 16.95
N LYS A 430 -17.00 -24.40 15.96
CA LYS A 430 -18.32 -24.96 16.20
C LYS A 430 -18.41 -26.47 15.93
N THR A 431 -17.44 -27.02 15.17
CA THR A 431 -17.48 -28.45 14.83
C THR A 431 -16.56 -29.23 15.76
N ILE A 432 -15.23 -29.07 15.63
CA ILE A 432 -14.23 -29.78 16.46
C ILE A 432 -13.92 -29.07 17.79
N GLY A 433 -14.51 -27.88 17.99
CA GLY A 433 -14.28 -27.08 19.17
C GLY A 433 -13.06 -26.20 19.00
N PRO A 434 -12.98 -25.16 19.82
CA PRO A 434 -11.79 -24.31 19.77
C PRO A 434 -10.60 -24.99 20.48
N ASP A 435 -9.38 -24.61 20.13
CA ASP A 435 -8.19 -25.19 20.79
C ASP A 435 -8.12 -24.74 22.25
N MET A 436 -8.53 -23.48 22.51
CA MET A 436 -8.48 -22.90 23.83
C MET A 436 -9.81 -22.18 24.12
N PHE A 437 -10.26 -22.19 25.37
CA PHE A 437 -11.52 -21.55 25.75
C PHE A 437 -11.37 -20.77 27.03
N LEU A 438 -11.67 -19.45 26.99
CA LEU A 438 -11.62 -18.62 28.20
C LEU A 438 -13.00 -18.75 28.90
N GLY A 439 -13.05 -19.57 29.95
CA GLY A 439 -14.28 -19.91 30.63
C GLY A 439 -14.80 -19.00 31.74
N THR A 440 -14.07 -17.93 32.11
CA THR A 440 -14.54 -17.06 33.19
C THR A 440 -14.77 -15.62 32.74
N CYS A 441 -16.04 -15.21 32.76
CA CYS A 441 -16.43 -13.85 32.42
C CYS A 441 -16.24 -12.96 33.65
N ARG A 442 -15.32 -12.02 33.57
CA ARG A 442 -15.02 -11.10 34.66
C ARG A 442 -15.75 -9.75 34.55
N ARG A 443 -16.48 -9.51 33.46
CA ARG A 443 -17.15 -8.22 33.26
C ARG A 443 -18.57 -8.18 33.82
N CYS A 444 -19.39 -9.18 33.52
CA CYS A 444 -20.81 -9.11 33.76
C CYS A 444 -21.28 -9.60 35.11
N PRO A 445 -22.40 -8.99 35.59
CA PRO A 445 -23.07 -9.51 36.79
C PRO A 445 -23.52 -10.95 36.51
N ALA A 446 -23.56 -11.82 37.52
CA ALA A 446 -23.94 -13.21 37.33
C ALA A 446 -25.29 -13.41 36.61
N GLU A 447 -26.29 -12.51 36.79
CA GLU A 447 -27.57 -12.65 36.06
C GLU A 447 -27.37 -12.75 34.54
N ILE A 448 -26.50 -11.87 33.99
CA ILE A 448 -26.14 -11.83 32.58
C ILE A 448 -25.32 -13.06 32.18
N VAL A 449 -24.28 -13.40 32.97
CA VAL A 449 -23.42 -14.56 32.67
C VAL A 449 -24.23 -15.87 32.62
N ASP A 450 -25.12 -16.10 33.59
CA ASP A 450 -25.92 -17.31 33.64
C ASP A 450 -26.92 -17.40 32.46
N THR A 451 -27.43 -16.23 32.02
CA THR A 451 -28.35 -16.15 30.88
C THR A 451 -27.65 -16.56 29.57
N VAL A 452 -26.49 -15.93 29.22
CA VAL A 452 -25.76 -16.22 27.98
C VAL A 452 -25.07 -17.57 28.03
N SER A 453 -24.64 -18.03 29.22
CA SER A 453 -24.00 -19.33 29.40
C SER A 453 -24.98 -20.42 28.98
N ALA A 454 -26.24 -20.34 29.47
CA ALA A 454 -27.27 -21.31 29.05
C ALA A 454 -27.68 -21.15 27.57
N LEU A 455 -27.79 -19.90 27.10
CA LEU A 455 -28.20 -19.55 25.75
C LEU A 455 -27.25 -19.98 24.62
N VAL A 456 -25.94 -19.61 24.69
CA VAL A 456 -25.02 -19.86 23.57
C VAL A 456 -23.71 -20.62 23.92
N TYR A 457 -23.45 -20.84 25.22
CA TYR A 457 -22.18 -21.46 25.63
C TYR A 457 -22.30 -22.84 26.27
N ASP A 458 -23.40 -23.58 26.06
CA ASP A 458 -23.66 -24.90 26.64
C ASP A 458 -23.38 -24.99 28.16
N ASN A 459 -23.73 -23.94 28.91
CA ASN A 459 -23.53 -23.84 30.35
C ASN A 459 -22.07 -23.96 30.76
N LYS A 460 -21.14 -23.59 29.86
CA LYS A 460 -19.69 -23.65 30.12
C LYS A 460 -19.06 -22.31 30.46
N LEU A 461 -19.83 -21.21 30.38
CA LEU A 461 -19.29 -19.90 30.76
C LEU A 461 -19.59 -19.71 32.27
N LYS A 462 -18.58 -19.32 33.07
CA LYS A 462 -18.77 -19.12 34.50
C LYS A 462 -18.72 -17.63 34.90
N ALA A 463 -19.49 -17.23 35.94
CA ALA A 463 -19.48 -15.83 36.37
C ALA A 463 -18.42 -15.61 37.41
N HIS A 464 -17.62 -14.56 37.25
CA HIS A 464 -16.65 -14.19 38.27
C HIS A 464 -17.35 -13.26 39.27
N LYS A 465 -18.17 -12.31 38.78
CA LYS A 465 -18.88 -11.41 39.64
C LYS A 465 -20.09 -12.09 40.27
N ASP A 466 -20.58 -11.51 41.38
CA ASP A 466 -21.82 -11.98 42.01
C ASP A 466 -22.99 -11.38 41.18
N LYS A 467 -24.24 -11.81 41.48
CA LYS A 467 -25.44 -11.20 40.92
C LYS A 467 -25.45 -9.73 41.40
N SER A 468 -25.56 -8.77 40.48
CA SER A 468 -25.52 -7.34 40.83
C SER A 468 -26.83 -6.83 41.46
N ALA A 469 -27.95 -7.57 41.26
CA ALA A 469 -29.33 -7.19 41.63
C ALA A 469 -29.79 -5.90 40.92
N GLN A 470 -29.10 -5.56 39.82
CA GLN A 470 -29.41 -4.41 39.00
C GLN A 470 -29.66 -4.83 37.55
N CYS A 471 -30.20 -6.07 37.32
CA CYS A 471 -30.51 -6.60 36.01
C CYS A 471 -32.01 -6.81 35.95
N PHE A 472 -32.69 -6.00 35.14
CA PHE A 472 -34.14 -5.99 35.02
C PHE A 472 -34.63 -6.31 33.62
N LYS A 473 -35.81 -6.92 33.56
CA LYS A 473 -36.46 -7.26 32.32
C LYS A 473 -37.91 -6.79 32.39
N MET A 474 -38.40 -6.27 31.25
CA MET A 474 -39.78 -5.83 31.17
C MET A 474 -40.36 -6.32 29.89
N PHE A 475 -41.48 -7.01 29.97
CA PHE A 475 -42.11 -7.55 28.78
C PHE A 475 -43.10 -6.47 28.27
N TYR A 476 -42.71 -5.76 27.21
CA TYR A 476 -43.51 -4.65 26.69
C TYR A 476 -43.41 -4.53 25.15
N LYS A 477 -44.41 -5.05 24.42
CA LYS A 477 -44.37 -5.00 22.97
C LYS A 477 -44.42 -3.59 22.35
N GLY A 478 -45.15 -2.68 23.00
CA GLY A 478 -45.28 -1.30 22.54
C GLY A 478 -45.96 -1.19 21.19
N VAL A 479 -45.42 -0.32 20.32
CA VAL A 479 -45.93 0.01 18.98
C VAL A 479 -44.74 0.14 18.03
N ILE A 480 -44.76 -0.63 16.94
CA ILE A 480 -43.66 -0.61 16.01
C ILE A 480 -43.97 0.23 14.81
N THR A 481 -43.20 1.28 14.64
CA THR A 481 -43.26 2.13 13.46
C THR A 481 -41.97 1.86 12.64
N HIS A 482 -41.91 2.32 11.39
CA HIS A 482 -40.75 2.06 10.55
C HIS A 482 -40.26 3.29 9.77
N ASP A 483 -38.95 3.60 9.85
CA ASP A 483 -38.24 4.65 9.11
C ASP A 483 -37.68 3.83 7.95
N VAL A 484 -38.48 3.67 6.88
CA VAL A 484 -38.15 2.86 5.73
C VAL A 484 -38.33 1.37 6.19
N SER A 485 -37.25 0.71 6.64
CA SER A 485 -37.24 -0.66 7.18
C SER A 485 -36.58 -0.71 8.58
N SER A 486 -35.83 0.36 8.97
CA SER A 486 -35.28 0.46 10.30
C SER A 486 -36.49 0.73 11.22
N ALA A 487 -36.56 0.03 12.35
CA ALA A 487 -37.73 0.09 13.21
C ALA A 487 -37.61 1.03 14.42
N ILE A 488 -38.74 1.54 14.85
CA ILE A 488 -38.87 2.44 15.98
C ILE A 488 -39.98 1.91 16.90
N ASN A 489 -39.78 2.01 18.21
CA ASN A 489 -40.75 1.63 19.20
C ASN A 489 -40.81 2.74 20.26
N ARG A 490 -41.56 3.82 19.96
CA ARG A 490 -41.70 4.96 20.88
C ARG A 490 -42.24 4.56 22.25
N PRO A 491 -43.28 3.70 22.37
CA PRO A 491 -43.73 3.27 23.71
C PRO A 491 -42.62 2.57 24.56
N GLN A 492 -41.69 1.83 23.92
CA GLN A 492 -40.56 1.22 24.65
C GLN A 492 -39.60 2.31 25.17
N ILE A 493 -39.37 3.39 24.38
CA ILE A 493 -38.56 4.53 24.83
C ILE A 493 -39.29 5.31 25.97
N GLY A 494 -40.63 5.34 25.93
CA GLY A 494 -41.44 5.98 26.95
C GLY A 494 -41.32 5.24 28.26
N VAL A 495 -41.35 3.89 28.21
CA VAL A 495 -41.13 3.06 29.39
C VAL A 495 -39.72 3.37 30.00
N VAL A 496 -38.68 3.51 29.15
CA VAL A 496 -37.32 3.83 29.60
C VAL A 496 -37.28 5.16 30.32
N ARG A 497 -37.88 6.18 29.74
CA ARG A 497 -37.99 7.50 30.32
C ARG A 497 -38.66 7.47 31.74
N GLU A 498 -39.74 6.66 31.93
CA GLU A 498 -40.40 6.53 33.23
C GLU A 498 -39.47 5.85 34.22
N PHE A 499 -38.79 4.80 33.78
CA PHE A 499 -37.81 4.09 34.60
C PHE A 499 -36.65 5.02 35.04
N LEU A 500 -36.13 5.87 34.12
CA LEU A 500 -35.02 6.77 34.43
C LEU A 500 -35.33 7.76 35.54
N THR A 501 -36.57 8.30 35.54
CA THR A 501 -37.00 9.26 36.54
C THR A 501 -36.96 8.62 37.95
N ARG A 502 -37.31 7.31 38.06
CA ARG A 502 -37.31 6.54 39.32
C ARG A 502 -35.97 5.92 39.65
N ASN A 503 -35.09 5.79 38.67
CA ASN A 503 -33.79 5.17 38.85
C ASN A 503 -32.65 6.07 38.33
N PRO A 504 -32.47 7.24 38.98
CA PRO A 504 -31.46 8.22 38.52
C PRO A 504 -30.01 7.76 38.38
N ALA A 505 -29.60 6.67 39.06
CA ALA A 505 -28.24 6.15 38.86
C ALA A 505 -28.03 5.76 37.36
N TRP A 506 -29.12 5.33 36.70
CA TRP A 506 -29.18 4.91 35.31
C TRP A 506 -29.02 6.04 34.31
N ARG A 507 -28.86 7.29 34.79
CA ARG A 507 -28.61 8.46 33.95
C ARG A 507 -27.37 8.27 33.10
N LYS A 508 -26.36 7.61 33.65
CA LYS A 508 -25.07 7.32 33.02
C LYS A 508 -25.15 6.11 32.02
N ALA A 509 -26.34 5.46 31.84
CA ALA A 509 -26.48 4.29 30.98
C ALA A 509 -26.34 4.57 29.48
N VAL A 510 -25.82 3.57 28.76
CA VAL A 510 -25.75 3.61 27.30
C VAL A 510 -27.02 2.96 26.81
N PHE A 511 -27.72 3.62 25.85
CA PHE A 511 -28.93 3.06 25.26
C PHE A 511 -28.52 2.20 24.04
N ILE A 512 -29.04 0.98 23.99
CA ILE A 512 -28.75 0.01 22.95
C ILE A 512 -30.02 -0.59 22.40
N SER A 513 -30.08 -0.78 21.09
CA SER A 513 -31.20 -1.41 20.41
C SER A 513 -30.70 -2.04 19.10
N PRO A 514 -31.43 -2.98 18.49
CA PRO A 514 -30.99 -3.54 17.21
C PRO A 514 -31.19 -2.58 15.99
N TYR A 515 -31.75 -1.37 16.21
CA TYR A 515 -32.09 -0.45 15.11
C TYR A 515 -31.56 0.93 15.28
N ASN A 516 -30.95 1.48 14.25
CA ASN A 516 -30.39 2.84 14.28
C ASN A 516 -31.47 3.92 14.38
N SER A 517 -32.66 3.69 13.81
CA SER A 517 -33.74 4.65 13.89
C SER A 517 -34.31 4.70 15.31
N GLN A 518 -34.45 3.53 15.99
CA GLN A 518 -34.86 3.47 17.39
C GLN A 518 -33.90 4.31 18.27
N ASN A 519 -32.60 4.17 18.00
CA ASN A 519 -31.49 4.88 18.66
C ASN A 519 -31.57 6.39 18.43
N ALA A 520 -31.96 6.83 17.21
CA ALA A 520 -32.05 8.25 16.89
C ALA A 520 -33.19 8.90 17.67
N VAL A 521 -34.33 8.18 17.79
CA VAL A 521 -35.46 8.63 18.59
C VAL A 521 -35.08 8.66 20.10
N ALA A 522 -34.46 7.58 20.61
CA ALA A 522 -34.02 7.50 22.01
C ALA A 522 -32.97 8.57 22.38
N SER A 523 -32.15 8.98 21.41
CA SER A 523 -31.15 9.99 21.67
C SER A 523 -31.82 11.33 21.93
N LYS A 524 -32.86 11.66 21.16
CA LYS A 524 -33.58 12.90 21.33
C LYS A 524 -34.43 12.90 22.61
N ILE A 525 -35.23 11.85 22.84
CA ILE A 525 -36.13 11.73 24.01
C ILE A 525 -35.42 11.47 25.36
N LEU A 526 -34.36 10.64 25.36
CA LEU A 526 -33.67 10.29 26.62
C LEU A 526 -32.37 11.04 26.84
N GLY A 527 -31.72 11.43 25.76
CA GLY A 527 -30.43 12.11 25.87
C GLY A 527 -29.30 11.17 26.24
N LEU A 528 -29.56 9.83 26.31
CA LEU A 528 -28.52 8.83 26.63
C LEU A 528 -27.64 8.65 25.40
N PRO A 529 -26.33 8.32 25.59
CA PRO A 529 -25.49 7.96 24.44
C PRO A 529 -26.06 6.68 23.82
N THR A 530 -25.97 6.60 22.50
CA THR A 530 -26.63 5.52 21.78
C THR A 530 -25.62 4.60 21.05
N GLN A 531 -26.10 3.37 20.79
CA GLN A 531 -25.31 2.34 20.15
C GLN A 531 -26.21 1.25 19.62
N THR A 532 -25.93 0.74 18.43
CA THR A 532 -26.65 -0.44 17.96
C THR A 532 -25.91 -1.63 18.61
N VAL A 533 -26.56 -2.80 18.67
CA VAL A 533 -25.89 -4.01 19.21
C VAL A 533 -24.60 -4.32 18.44
N ASP A 534 -24.69 -4.25 17.10
CA ASP A 534 -23.59 -4.49 16.19
C ASP A 534 -22.40 -3.50 16.42
N SER A 535 -22.69 -2.22 16.72
CA SER A 535 -21.60 -1.28 17.01
C SER A 535 -21.08 -1.35 18.48
N SER A 536 -21.85 -1.99 19.38
CA SER A 536 -21.46 -2.13 20.77
C SER A 536 -20.47 -3.27 21.02
N GLN A 537 -20.37 -4.23 20.09
CA GLN A 537 -19.50 -5.40 20.15
C GLN A 537 -18.06 -4.99 20.40
N GLY A 538 -17.48 -5.53 21.46
CA GLY A 538 -16.13 -5.23 21.91
C GLY A 538 -16.06 -4.14 22.98
N SER A 539 -17.17 -3.40 23.19
CA SER A 539 -17.23 -2.32 24.19
C SER A 539 -17.94 -2.78 25.49
N GLU A 540 -17.73 -2.03 26.59
CA GLU A 540 -18.38 -2.32 27.86
C GLU A 540 -18.76 -1.04 28.54
N TYR A 541 -19.88 -1.09 29.23
CA TYR A 541 -20.47 0.06 29.90
C TYR A 541 -20.99 -0.36 31.29
N ASP A 542 -20.95 0.54 32.29
CA ASP A 542 -21.46 0.20 33.63
C ASP A 542 -22.93 -0.16 33.56
N TYR A 543 -23.72 0.63 32.85
CA TYR A 543 -25.15 0.37 32.70
C TYR A 543 -25.58 0.39 31.26
N VAL A 544 -26.48 -0.53 30.91
CA VAL A 544 -26.99 -0.67 29.58
C VAL A 544 -28.51 -0.67 29.63
N ILE A 545 -29.15 0.10 28.76
CA ILE A 545 -30.58 0.04 28.61
C ILE A 545 -30.79 -0.46 27.19
N PHE A 546 -31.48 -1.59 27.06
CA PHE A 546 -31.72 -2.24 25.81
C PHE A 546 -33.22 -2.32 25.52
N THR A 547 -33.68 -1.79 24.39
CA THR A 547 -35.08 -1.98 23.97
C THR A 547 -34.98 -2.91 22.73
N GLN A 548 -35.65 -4.06 22.77
CA GLN A 548 -35.63 -4.98 21.65
C GLN A 548 -36.22 -4.39 20.37
N THR A 549 -37.12 -3.39 20.49
CA THR A 549 -37.82 -2.65 19.41
C THR A 549 -38.87 -3.50 18.68
N THR A 550 -38.49 -4.66 18.09
CA THR A 550 -39.38 -5.56 17.34
C THR A 550 -39.18 -7.04 17.77
N GLU A 551 -39.96 -7.96 17.19
CA GLU A 551 -39.83 -9.40 17.37
C GLU A 551 -39.32 -10.05 16.05
N THR A 552 -38.49 -9.34 15.29
CA THR A 552 -37.96 -9.88 14.02
C THR A 552 -36.87 -10.96 14.24
N ALA A 553 -36.50 -11.68 13.15
CA ALA A 553 -35.39 -12.60 13.23
C ALA A 553 -34.06 -11.79 13.54
N HIS A 554 -33.98 -10.53 13.10
CA HIS A 554 -32.86 -9.63 13.41
C HIS A 554 -32.76 -9.32 14.94
N SER A 555 -33.85 -8.83 15.55
CA SER A 555 -33.83 -8.48 16.96
C SER A 555 -33.86 -9.71 17.89
N CYS A 556 -34.23 -10.90 17.37
CA CYS A 556 -34.26 -12.14 18.13
C CYS A 556 -33.05 -13.00 17.94
N ASN A 557 -32.08 -12.59 17.09
CA ASN A 557 -30.88 -13.37 16.83
C ASN A 557 -30.13 -13.61 18.17
N VAL A 558 -29.85 -14.88 18.53
CA VAL A 558 -29.22 -15.16 19.81
C VAL A 558 -27.83 -14.59 19.90
N ASN A 559 -27.09 -14.45 18.76
CA ASN A 559 -25.75 -13.87 18.82
C ASN A 559 -25.84 -12.37 19.12
N ARG A 560 -26.80 -11.68 18.48
CA ARG A 560 -27.01 -10.24 18.70
C ARG A 560 -27.49 -10.05 20.16
N PHE A 561 -28.41 -10.93 20.63
CA PHE A 561 -28.92 -10.86 22.00
C PHE A 561 -27.81 -11.03 23.02
N ASN A 562 -26.92 -12.00 22.76
CA ASN A 562 -25.73 -12.30 23.55
C ASN A 562 -24.84 -11.04 23.65
N VAL A 563 -24.50 -10.41 22.51
CA VAL A 563 -23.68 -9.19 22.50
C VAL A 563 -24.38 -8.05 23.24
N ALA A 564 -25.69 -7.86 23.01
CA ALA A 564 -26.45 -6.81 23.65
C ALA A 564 -26.37 -6.85 25.19
N ILE A 565 -26.70 -8.00 25.81
CA ILE A 565 -26.75 -8.07 27.25
C ILE A 565 -25.37 -8.19 27.90
N THR A 566 -24.32 -8.65 27.18
CA THR A 566 -22.97 -8.76 27.74
C THR A 566 -22.14 -7.46 27.66
N ARG A 567 -22.75 -6.32 27.28
CA ARG A 567 -22.02 -5.02 27.29
C ARG A 567 -21.94 -4.44 28.75
N ALA A 568 -22.88 -4.85 29.63
CA ALA A 568 -23.03 -4.35 30.98
C ALA A 568 -22.07 -4.92 32.03
N LYS A 569 -21.44 -4.02 32.77
CA LYS A 569 -20.56 -4.37 33.89
C LYS A 569 -21.35 -4.43 35.21
N VAL A 570 -22.33 -3.54 35.36
CA VAL A 570 -23.07 -3.42 36.62
C VAL A 570 -24.55 -3.72 36.49
N GLY A 571 -25.26 -2.98 35.63
CA GLY A 571 -26.69 -3.18 35.46
C GLY A 571 -27.19 -3.14 34.03
N ILE A 572 -28.32 -3.78 33.81
CA ILE A 572 -28.98 -3.79 32.54
C ILE A 572 -30.49 -3.77 32.70
N LEU A 573 -31.18 -2.97 31.86
CA LEU A 573 -32.61 -2.95 31.79
C LEU A 573 -32.93 -3.42 30.37
N CYS A 574 -33.70 -4.49 30.22
CA CYS A 574 -34.09 -5.05 28.93
C CYS A 574 -35.58 -4.89 28.73
N ILE A 575 -36.01 -4.03 27.79
CA ILE A 575 -37.42 -3.89 27.47
C ILE A 575 -37.55 -4.82 26.26
N MET A 576 -38.23 -5.96 26.46
CA MET A 576 -38.37 -7.05 25.50
C MET A 576 -39.69 -7.11 24.77
N SER A 577 -39.62 -7.59 23.52
CA SER A 577 -40.75 -7.81 22.63
C SER A 577 -41.03 -9.33 22.49
N ASP A 578 -39.95 -10.14 22.51
CA ASP A 578 -39.99 -11.60 22.33
C ASP A 578 -40.18 -12.30 23.65
N ARG A 579 -41.24 -13.13 23.75
CA ARG A 579 -41.55 -13.90 24.98
C ARG A 579 -40.45 -14.91 25.32
N ASP A 580 -39.90 -15.53 24.30
CA ASP A 580 -38.85 -16.53 24.37
C ASP A 580 -37.59 -15.97 25.08
N LEU A 581 -36.95 -14.93 24.49
CA LEU A 581 -35.77 -14.31 25.06
C LEU A 581 -36.06 -13.63 26.39
N TYR A 582 -37.30 -13.10 26.56
CA TYR A 582 -37.68 -12.47 27.84
C TYR A 582 -37.66 -13.56 28.96
N ASP A 583 -38.24 -14.73 28.68
CA ASP A 583 -38.34 -15.83 29.64
C ASP A 583 -36.96 -16.41 29.96
N LYS A 584 -36.04 -16.41 28.97
CA LYS A 584 -34.67 -16.88 29.16
C LYS A 584 -33.83 -15.89 29.97
N LEU A 585 -34.17 -14.59 30.01
CA LEU A 585 -33.39 -13.63 30.80
C LEU A 585 -33.55 -13.95 32.30
N GLN A 586 -32.43 -14.26 32.98
CA GLN A 586 -32.47 -14.55 34.42
C GLN A 586 -32.29 -13.25 35.18
N PHE A 587 -33.21 -12.30 34.93
CA PHE A 587 -33.23 -10.95 35.50
C PHE A 587 -34.47 -10.79 36.36
N THR A 588 -34.47 -9.78 37.21
CA THR A 588 -35.61 -9.41 38.02
C THR A 588 -36.68 -8.74 37.11
N SER A 589 -37.90 -9.30 37.04
CA SER A 589 -38.95 -8.73 36.22
C SER A 589 -39.57 -7.44 36.85
N LEU A 590 -39.94 -6.44 36.01
CA LEU A 590 -40.54 -5.19 36.46
C LEU A 590 -41.99 -5.06 35.94
N GLU A 591 -42.85 -4.31 36.67
CA GLU A 591 -44.24 -4.06 36.29
C GLU A 591 -44.39 -2.67 35.63
N ILE A 592 -45.55 -2.45 34.90
CA ILE A 592 -46.13 -1.30 34.13
C ILE A 592 -46.18 -1.67 32.63
N VAL B 2 17.58 -11.20 15.54
CA VAL B 2 18.68 -12.10 15.19
C VAL B 2 18.77 -12.22 13.66
N GLY B 3 19.99 -12.20 13.11
CA GLY B 3 20.17 -12.26 11.65
C GLY B 3 21.60 -12.35 11.16
N ALA B 4 21.82 -11.99 9.89
CA ALA B 4 23.12 -12.05 9.24
C ALA B 4 23.93 -10.74 9.22
N CYS B 5 25.26 -10.86 9.38
CA CYS B 5 26.22 -9.75 9.38
C CYS B 5 26.31 -9.05 8.01
N VAL B 6 26.20 -7.72 7.98
CA VAL B 6 26.29 -6.99 6.72
C VAL B 6 27.73 -6.90 6.17
N LEU B 7 28.74 -7.40 6.89
CA LEU B 7 30.13 -7.35 6.40
C LEU B 7 30.73 -8.74 6.14
N CYS B 8 30.28 -9.73 6.95
CA CYS B 8 30.78 -11.12 7.03
C CYS B 8 29.76 -12.19 6.68
N ASN B 9 28.47 -11.85 6.70
CA ASN B 9 27.33 -12.76 6.61
C ASN B 9 27.24 -13.72 7.83
N SER B 10 28.25 -13.71 8.74
CA SER B 10 28.30 -14.51 9.95
C SER B 10 27.06 -14.27 10.80
N GLN B 11 26.42 -15.35 11.24
CA GLN B 11 25.20 -15.26 12.04
C GLN B 11 25.43 -14.47 13.33
N THR B 12 24.48 -13.61 13.76
CA THR B 12 24.69 -12.85 15.01
C THR B 12 23.42 -12.33 15.65
N SER B 13 23.53 -12.10 17.00
CA SER B 13 22.56 -11.46 17.89
C SER B 13 22.88 -9.93 18.05
N LEU B 14 23.91 -9.41 17.35
CA LEU B 14 24.30 -8.01 17.46
C LEU B 14 23.83 -7.14 16.27
N ARG B 15 23.37 -5.94 16.60
CA ARG B 15 22.97 -4.91 15.67
C ARG B 15 23.62 -3.64 16.16
N CYS B 16 24.28 -2.84 15.27
CA CYS B 16 24.83 -1.57 15.73
C CYS B 16 23.69 -0.60 16.01
N GLY B 17 23.57 -0.13 17.23
CA GLY B 17 22.50 0.79 17.63
C GLY B 17 22.73 2.25 17.30
N ALA B 18 24.00 2.60 16.94
CA ALA B 18 24.29 3.98 16.57
C ALA B 18 24.18 4.23 15.05
N CYS B 19 24.05 3.13 14.25
CA CYS B 19 23.82 3.19 12.81
C CYS B 19 22.34 3.45 12.67
N ILE B 20 21.96 4.36 11.74
CA ILE B 20 20.56 4.66 11.57
C ILE B 20 19.78 3.48 10.96
N ARG B 21 20.47 2.50 10.35
CA ARG B 21 19.85 1.29 9.82
C ARG B 21 19.95 0.05 10.73
N ARG B 22 20.63 0.21 11.91
CA ARG B 22 20.84 -0.85 12.88
C ARG B 22 21.28 -2.18 12.25
N PRO B 23 22.39 -2.17 11.47
CA PRO B 23 22.78 -3.39 10.76
C PRO B 23 23.26 -4.50 11.67
N PHE B 24 22.98 -5.75 11.29
CA PHE B 24 23.48 -6.89 12.03
C PHE B 24 25.00 -6.96 11.80
N LEU B 25 25.76 -7.07 12.90
CA LEU B 25 27.22 -7.13 12.89
C LEU B 25 27.67 -8.32 13.75
N CYS B 26 28.61 -9.13 13.23
CA CYS B 26 29.10 -10.29 13.99
C CYS B 26 30.05 -9.86 15.09
N CYS B 27 30.29 -10.70 16.11
CA CYS B 27 31.20 -10.38 17.21
C CYS B 27 32.51 -9.67 16.79
N LYS B 28 33.17 -10.19 15.73
CA LYS B 28 34.42 -9.65 15.22
C LYS B 28 34.25 -8.28 14.53
N CYS B 29 33.27 -8.15 13.61
CA CYS B 29 33.00 -6.91 12.88
C CYS B 29 32.37 -5.81 13.77
N CYS B 30 31.50 -6.21 14.71
CA CYS B 30 30.86 -5.31 15.66
C CYS B 30 31.91 -4.64 16.53
N TYR B 31 32.91 -5.40 16.96
CA TYR B 31 34.00 -4.89 17.79
C TYR B 31 34.83 -3.89 17.00
N ASP B 32 35.34 -4.26 15.80
CA ASP B 32 36.15 -3.35 14.97
C ASP B 32 35.40 -2.09 14.62
N HIS B 33 34.05 -2.14 14.50
CA HIS B 33 33.20 -0.98 14.23
C HIS B 33 33.11 -0.07 15.45
N VAL B 34 32.77 -0.63 16.66
CA VAL B 34 32.62 0.15 17.88
C VAL B 34 33.94 0.74 18.35
N ILE B 35 35.07 0.04 18.20
CA ILE B 35 36.37 0.55 18.64
C ILE B 35 36.96 1.63 17.73
N SER B 36 36.59 1.67 16.45
CA SER B 36 37.14 2.66 15.50
C SER B 36 36.22 3.87 15.24
N THR B 37 34.93 3.80 15.61
CA THR B 37 34.00 4.91 15.39
C THR B 37 33.45 5.47 16.75
N SER B 38 32.62 6.54 16.68
CA SER B 38 31.90 7.07 17.83
C SER B 38 30.69 6.16 18.19
N HIS B 39 30.37 5.17 17.35
CA HIS B 39 29.25 4.28 17.52
C HIS B 39 29.58 3.26 18.59
N LYS B 40 28.96 3.38 19.77
CA LYS B 40 29.23 2.45 20.87
C LYS B 40 27.99 1.71 21.35
N LEU B 41 26.77 2.10 20.91
CA LEU B 41 25.57 1.39 21.36
C LEU B 41 25.38 0.13 20.54
N VAL B 42 25.29 -1.04 21.20
CA VAL B 42 25.08 -2.36 20.58
C VAL B 42 23.71 -2.89 21.01
N LEU B 43 22.93 -3.46 20.07
CA LEU B 43 21.61 -3.98 20.37
C LEU B 43 21.61 -5.50 20.18
N SER B 44 20.89 -6.24 21.05
CA SER B 44 20.81 -7.70 20.96
C SER B 44 19.33 -8.10 21.12
N VAL B 45 19.00 -9.09 22.00
CA VAL B 45 17.62 -9.40 22.40
C VAL B 45 17.13 -8.14 23.18
N ASN B 46 18.00 -7.70 24.12
CA ASN B 46 17.89 -6.49 24.89
C ASN B 46 19.06 -5.56 24.42
N PRO B 47 18.91 -4.22 24.55
CA PRO B 47 20.04 -3.34 24.22
C PRO B 47 21.15 -3.50 25.27
N TYR B 48 22.39 -3.26 24.87
CA TYR B 48 23.52 -3.37 25.79
C TYR B 48 23.63 -2.03 26.45
N VAL B 49 22.89 -1.88 27.55
CA VAL B 49 22.78 -0.67 28.36
C VAL B 49 22.80 -1.10 29.84
N CYS B 50 23.26 -0.21 30.73
CA CYS B 50 23.32 -0.54 32.15
C CYS B 50 21.91 -0.66 32.74
N ASN B 51 21.52 -1.88 33.12
CA ASN B 51 20.22 -2.23 33.70
C ASN B 51 20.00 -1.67 35.12
N ALA B 52 21.04 -1.08 35.75
CA ALA B 52 20.89 -0.50 37.08
C ALA B 52 19.99 0.72 36.97
N PRO B 53 19.05 0.92 37.92
CA PRO B 53 18.12 2.05 37.84
C PRO B 53 18.77 3.44 37.76
N GLY B 54 18.29 4.26 36.84
CA GLY B 54 18.78 5.63 36.65
C GLY B 54 20.16 5.76 36.04
N CYS B 55 20.75 4.64 35.59
CA CYS B 55 22.07 4.67 34.99
C CYS B 55 22.03 4.85 33.48
N ASP B 56 22.82 5.81 32.98
CA ASP B 56 22.88 6.16 31.57
C ASP B 56 24.06 5.57 30.79
N VAL B 57 24.72 4.50 31.29
CA VAL B 57 25.85 3.90 30.55
C VAL B 57 25.31 3.04 29.40
N THR B 58 25.57 3.49 28.16
CA THR B 58 25.16 2.85 26.90
C THR B 58 26.37 2.35 26.08
N ASP B 59 27.60 2.83 26.38
CA ASP B 59 28.83 2.44 25.68
C ASP B 59 29.20 0.99 26.00
N VAL B 60 29.19 0.14 24.95
CA VAL B 60 29.48 -1.30 25.02
C VAL B 60 30.88 -1.62 25.60
N THR B 61 31.85 -0.69 25.44
CA THR B 61 33.22 -0.88 25.95
C THR B 61 33.27 -0.74 27.51
N GLN B 62 32.33 0.04 28.07
CA GLN B 62 32.16 0.29 29.49
C GLN B 62 31.14 -0.67 30.16
N LEU B 63 30.68 -1.73 29.46
CA LEU B 63 29.66 -2.64 30.00
C LEU B 63 30.09 -4.10 30.12
N TYR B 64 29.40 -4.85 31.04
CA TYR B 64 29.65 -6.25 31.44
C TYR B 64 28.34 -7.03 31.56
N LEU B 65 28.39 -8.36 31.39
CA LEU B 65 27.25 -9.23 31.61
C LEU B 65 27.29 -9.80 33.04
N GLY B 66 26.47 -9.25 33.91
CA GLY B 66 26.36 -9.69 35.29
C GLY B 66 25.33 -10.79 35.45
N GLY B 67 25.66 -11.98 34.92
CA GLY B 67 24.81 -13.16 34.95
C GLY B 67 23.95 -13.25 33.71
N MET B 68 22.79 -12.58 33.76
CA MET B 68 21.86 -12.49 32.65
C MET B 68 21.44 -11.04 32.32
N SER B 69 21.80 -10.07 33.20
CA SER B 69 21.54 -8.64 33.06
C SER B 69 22.86 -7.83 32.87
N TYR B 70 22.84 -6.75 32.08
CA TYR B 70 24.03 -5.95 31.74
C TYR B 70 24.24 -4.76 32.68
N TYR B 71 25.50 -4.47 33.07
CA TYR B 71 25.82 -3.37 33.97
C TYR B 71 27.17 -2.71 33.61
N CYS B 72 27.38 -1.46 34.03
CA CYS B 72 28.65 -0.77 33.79
C CYS B 72 29.73 -1.19 34.84
N LYS B 73 30.90 -0.53 34.85
CA LYS B 73 31.96 -0.81 35.81
C LYS B 73 31.52 -0.44 37.25
N SER B 74 30.60 0.54 37.41
CA SER B 74 30.09 1.01 38.71
C SER B 74 28.92 0.20 39.28
N HIS B 75 28.28 -0.66 38.47
CA HIS B 75 27.11 -1.41 38.94
C HIS B 75 27.22 -2.91 38.81
N LYS B 76 28.20 -3.40 38.05
CA LYS B 76 28.36 -4.83 37.82
C LYS B 76 28.49 -5.64 39.12
N PRO B 77 27.92 -6.85 39.13
CA PRO B 77 28.09 -7.73 40.29
C PRO B 77 29.49 -8.40 40.33
N PRO B 78 29.86 -9.11 41.42
CA PRO B 78 31.19 -9.76 41.45
C PRO B 78 31.45 -10.70 40.27
N ILE B 79 30.45 -11.51 39.89
CA ILE B 79 30.59 -12.42 38.77
C ILE B 79 30.03 -11.75 37.50
N SER B 80 30.94 -11.11 36.73
CA SER B 80 30.60 -10.39 35.51
C SER B 80 31.76 -10.36 34.50
N PHE B 81 31.48 -10.71 33.23
CA PHE B 81 32.51 -10.67 32.18
C PHE B 81 32.19 -9.53 31.17
N PRO B 82 33.20 -8.87 30.60
CA PRO B 82 32.92 -7.74 29.71
C PRO B 82 32.28 -8.16 28.39
N LEU B 83 31.63 -7.19 27.75
CA LEU B 83 31.06 -7.44 26.43
C LEU B 83 32.20 -7.28 25.38
N CYS B 84 33.19 -6.40 25.61
CA CYS B 84 34.37 -6.25 24.72
C CYS B 84 35.65 -6.87 25.22
N ALA B 85 36.15 -7.82 24.44
CA ALA B 85 37.39 -8.49 24.76
C ALA B 85 37.87 -9.30 23.57
N ASN B 86 39.20 -9.51 23.45
CA ASN B 86 39.80 -10.34 22.41
C ASN B 86 39.34 -10.01 20.97
N GLY B 87 39.07 -8.74 20.66
CA GLY B 87 38.60 -8.35 19.33
C GLY B 87 37.16 -8.74 19.00
N GLN B 88 36.36 -8.99 20.04
CA GLN B 88 34.99 -9.40 19.89
C GLN B 88 34.02 -8.72 20.86
N VAL B 89 32.74 -8.64 20.46
CA VAL B 89 31.62 -8.14 21.26
C VAL B 89 30.77 -9.38 21.62
N PHE B 90 30.40 -9.52 22.90
CA PHE B 90 29.65 -10.66 23.39
C PHE B 90 28.22 -10.70 22.88
N GLY B 91 27.75 -11.88 22.48
CA GLY B 91 26.38 -12.06 22.02
C GLY B 91 26.09 -13.52 21.71
N LEU B 92 25.54 -13.78 20.54
CA LEU B 92 25.29 -15.15 20.10
C LEU B 92 26.16 -15.46 18.87
N TYR B 93 26.43 -16.76 18.66
CA TYR B 93 27.22 -17.29 17.53
C TYR B 93 28.67 -16.77 17.49
N LYS B 94 29.35 -16.70 18.67
CA LYS B 94 30.76 -16.24 18.78
C LYS B 94 31.78 -17.23 18.17
N ASN B 95 31.36 -18.49 17.95
CA ASN B 95 32.15 -19.56 17.35
C ASN B 95 32.30 -19.29 15.84
N THR B 96 31.19 -18.84 15.18
CA THR B 96 31.14 -18.48 13.75
C THR B 96 31.41 -16.96 13.51
N CYS B 97 32.69 -16.62 13.23
CA CYS B 97 33.16 -15.26 12.95
C CYS B 97 34.35 -15.32 11.99
N VAL B 98 34.45 -14.35 11.10
CA VAL B 98 35.55 -14.32 10.13
C VAL B 98 36.26 -12.94 10.15
N GLY B 99 35.45 -11.88 10.24
CA GLY B 99 35.93 -10.50 10.29
C GLY B 99 36.21 -9.94 8.92
N SER B 100 36.97 -8.87 8.88
CA SER B 100 37.39 -8.20 7.66
C SER B 100 38.76 -7.54 7.92
N ASP B 101 39.70 -7.64 6.94
CA ASP B 101 41.05 -7.07 7.05
C ASP B 101 41.07 -5.54 7.28
N ASN B 102 39.98 -4.86 6.83
CA ASN B 102 39.74 -3.41 6.95
C ASN B 102 38.23 -3.07 6.83
N VAL B 103 37.51 -3.02 7.98
CA VAL B 103 36.09 -2.62 8.11
C VAL B 103 35.89 -1.09 7.81
N THR B 104 36.91 -0.46 7.19
CA THR B 104 37.14 0.96 6.93
C THR B 104 36.11 1.59 6.01
N ASP B 105 35.65 0.86 4.96
CA ASP B 105 34.62 1.38 4.04
C ASP B 105 33.25 1.38 4.72
N PHE B 106 32.94 0.32 5.53
CA PHE B 106 31.69 0.24 6.29
C PHE B 106 31.60 1.41 7.28
N ASN B 107 32.70 1.72 7.97
CA ASN B 107 32.76 2.78 8.97
C ASN B 107 32.42 4.14 8.37
N ALA B 108 32.95 4.44 7.16
CA ALA B 108 32.71 5.68 6.42
C ALA B 108 31.26 5.80 5.93
N ILE B 109 30.64 4.69 5.52
CA ILE B 109 29.24 4.68 5.09
C ILE B 109 28.30 4.85 6.29
N ALA B 110 28.65 4.22 7.41
CA ALA B 110 27.87 4.24 8.64
C ALA B 110 27.89 5.61 9.35
N THR B 111 28.95 6.42 9.15
CA THR B 111 29.12 7.69 9.87
C THR B 111 29.09 8.99 9.03
N CYS B 112 29.15 8.92 7.70
CA CYS B 112 29.14 10.13 6.86
C CYS B 112 27.76 10.83 6.88
N ASP B 113 27.75 12.14 6.61
CA ASP B 113 26.49 12.90 6.59
C ASP B 113 25.79 12.96 5.21
N TRP B 114 26.42 12.36 4.16
CA TRP B 114 25.96 12.29 2.78
C TRP B 114 25.90 13.67 2.09
N THR B 115 26.70 14.64 2.55
CA THR B 115 26.75 15.97 1.94
C THR B 115 27.91 16.11 0.95
N ASN B 116 28.86 15.17 0.94
CA ASN B 116 30.02 15.20 0.06
C ASN B 116 29.83 14.24 -1.10
N ALA B 117 30.45 14.54 -2.25
CA ALA B 117 30.36 13.68 -3.41
C ALA B 117 31.13 12.36 -3.15
N GLY B 118 32.22 12.43 -2.38
CA GLY B 118 33.02 11.26 -2.00
C GLY B 118 32.23 10.18 -1.28
N ASP B 119 31.10 10.57 -0.64
CA ASP B 119 30.20 9.65 0.08
C ASP B 119 29.45 8.76 -0.92
N TYR B 120 28.99 9.38 -2.02
CA TYR B 120 28.27 8.72 -3.10
C TYR B 120 29.21 7.87 -3.97
N ILE B 121 30.47 8.33 -4.14
CA ILE B 121 31.49 7.63 -4.89
C ILE B 121 31.78 6.30 -4.18
N LEU B 122 32.00 6.35 -2.85
CA LEU B 122 32.23 5.17 -2.02
C LEU B 122 31.03 4.22 -2.05
N ALA B 123 29.80 4.74 -1.94
CA ALA B 123 28.57 3.94 -1.98
C ALA B 123 28.38 3.17 -3.31
N ASN B 124 29.20 3.45 -4.31
CA ASN B 124 29.11 2.81 -5.63
C ASN B 124 30.35 1.98 -5.98
N THR B 125 31.49 2.30 -5.37
CA THR B 125 32.72 1.57 -5.60
C THR B 125 32.96 0.45 -4.55
N CYS B 126 32.16 0.42 -3.46
CA CYS B 126 32.30 -0.58 -2.39
C CYS B 126 31.78 -1.98 -2.83
N THR B 127 31.78 -2.98 -1.91
CA THR B 127 31.28 -4.31 -2.22
C THR B 127 29.76 -4.28 -2.43
N GLU B 128 29.19 -5.32 -3.04
CA GLU B 128 27.76 -5.36 -3.32
C GLU B 128 26.93 -5.25 -2.04
N ARG B 129 27.35 -5.94 -0.97
CA ARG B 129 26.61 -5.86 0.31
C ARG B 129 26.68 -4.43 0.95
N LEU B 130 27.81 -3.76 0.75
CA LEU B 130 27.98 -2.42 1.26
C LEU B 130 27.26 -1.38 0.39
N LYS B 131 26.98 -1.68 -0.90
CA LYS B 131 26.21 -0.83 -1.79
C LYS B 131 24.78 -0.81 -1.25
N LEU B 132 24.24 -1.97 -0.78
CA LEU B 132 22.89 -2.05 -0.23
C LEU B 132 22.79 -1.34 1.12
N PHE B 133 23.83 -1.48 1.97
CA PHE B 133 23.88 -0.84 3.26
C PHE B 133 23.96 0.69 3.05
N ALA B 134 24.82 1.14 2.10
CA ALA B 134 24.96 2.56 1.79
C ALA B 134 23.66 3.15 1.21
N ALA B 135 22.97 2.40 0.32
CA ALA B 135 21.73 2.88 -0.29
C ALA B 135 20.60 3.02 0.72
N GLU B 136 20.56 2.14 1.73
CA GLU B 136 19.58 2.16 2.82
C GLU B 136 19.87 3.31 3.80
N THR B 137 21.16 3.49 4.14
CA THR B 137 21.61 4.49 5.09
C THR B 137 21.35 5.89 4.53
N LEU B 138 21.66 6.08 3.24
CA LEU B 138 21.44 7.32 2.51
C LEU B 138 19.96 7.64 2.44
N LYS B 139 19.11 6.68 2.01
CA LYS B 139 17.68 6.93 1.89
C LYS B 139 17.02 7.21 3.21
N ALA B 140 17.48 6.54 4.27
CA ALA B 140 16.94 6.78 5.60
C ALA B 140 17.38 8.17 6.07
N THR B 141 18.66 8.56 5.79
CA THR B 141 19.20 9.89 6.17
C THR B 141 18.47 11.00 5.44
N GLU B 142 18.10 10.75 4.18
CA GLU B 142 17.37 11.69 3.35
C GLU B 142 15.95 11.90 3.88
N GLU B 143 15.24 10.81 4.33
CA GLU B 143 13.87 10.88 4.86
C GLU B 143 13.81 11.61 6.22
N THR B 144 14.81 11.34 7.06
CA THR B 144 15.00 11.93 8.41
C THR B 144 15.28 13.41 8.30
N PHE B 145 16.07 13.79 7.30
CA PHE B 145 16.38 15.18 7.02
C PHE B 145 15.10 15.97 6.66
N LYS B 146 14.12 15.34 6.02
CA LYS B 146 12.86 16.02 5.67
C LYS B 146 12.04 16.41 6.89
N LEU B 147 12.26 15.75 8.04
CA LEU B 147 11.61 16.04 9.32
C LEU B 147 12.26 17.24 10.01
N SER B 148 13.51 17.60 9.65
CA SER B 148 14.20 18.77 10.21
C SER B 148 13.55 20.08 9.76
N TYR B 149 12.86 20.05 8.64
CA TYR B 149 12.17 21.19 8.09
C TYR B 149 10.92 21.55 8.90
N GLY B 150 10.72 22.84 9.08
CA GLY B 150 9.57 23.33 9.82
C GLY B 150 8.27 23.17 9.07
N ILE B 151 7.15 23.13 9.80
CA ILE B 151 5.79 23.02 9.25
C ILE B 151 5.35 24.37 8.67
N ALA B 152 4.64 24.36 7.51
CA ALA B 152 4.13 25.56 6.84
C ALA B 152 2.60 25.61 7.06
N THR B 153 2.05 26.73 7.50
CA THR B 153 0.62 26.82 7.75
C THR B 153 0.00 27.92 6.90
N VAL B 154 -1.20 27.67 6.34
CA VAL B 154 -1.95 28.69 5.62
C VAL B 154 -2.38 29.76 6.64
N ARG B 155 -1.89 30.99 6.44
CA ARG B 155 -2.13 32.13 7.30
C ARG B 155 -3.29 32.98 6.75
N GLU B 156 -3.32 33.16 5.44
CA GLU B 156 -4.31 33.98 4.76
C GLU B 156 -4.39 33.45 3.34
N VAL B 157 -5.56 32.93 2.90
CA VAL B 157 -5.67 32.42 1.53
C VAL B 157 -5.80 33.59 0.53
N LEU B 158 -4.68 34.31 0.26
CA LEU B 158 -4.53 35.50 -0.60
C LEU B 158 -5.53 35.56 -1.78
N SER B 159 -5.45 34.58 -2.69
CA SER B 159 -6.31 34.44 -3.85
C SER B 159 -6.27 32.94 -4.27
N ASP B 160 -6.82 32.59 -5.44
CA ASP B 160 -6.75 31.21 -5.91
C ASP B 160 -5.33 30.95 -6.46
N ARG B 161 -4.85 29.69 -6.34
CA ARG B 161 -3.50 29.30 -6.76
C ARG B 161 -2.36 30.00 -5.98
N GLU B 162 -2.70 30.90 -5.04
CA GLU B 162 -1.70 31.62 -4.24
C GLU B 162 -2.05 31.62 -2.73
N LEU B 163 -1.02 31.62 -1.85
CA LEU B 163 -1.16 31.56 -0.39
C LEU B 163 -0.24 32.52 0.39
N HIS B 164 -0.49 32.66 1.70
CA HIS B 164 0.35 33.37 2.65
C HIS B 164 0.71 32.29 3.68
N LEU B 165 2.00 32.02 3.88
CA LEU B 165 2.37 30.95 4.81
C LEU B 165 3.03 31.45 6.09
N SER B 166 2.72 30.74 7.20
CA SER B 166 3.28 30.98 8.52
C SER B 166 4.23 29.78 8.80
N TRP B 167 5.52 30.05 9.03
CA TRP B 167 6.51 29.00 9.21
C TRP B 167 6.85 28.68 10.65
N GLU B 168 7.21 27.43 10.93
CA GLU B 168 7.58 26.98 12.27
C GLU B 168 8.88 27.62 12.69
N VAL B 169 8.91 28.17 13.91
CA VAL B 169 10.09 28.84 14.44
C VAL B 169 11.06 27.80 15.01
N GLY B 170 12.36 28.07 14.87
CA GLY B 170 13.38 27.16 15.37
C GLY B 170 13.82 26.11 14.38
N LYS B 171 12.94 25.78 13.40
CA LYS B 171 13.23 24.79 12.37
C LYS B 171 13.39 25.47 10.99
N PRO B 172 14.45 25.12 10.22
CA PRO B 172 14.65 25.76 8.91
C PRO B 172 13.54 25.49 7.91
N ARG B 173 13.40 26.36 6.90
CA ARG B 173 12.35 26.21 5.89
C ARG B 173 12.94 25.56 4.64
N PRO B 174 12.24 24.55 4.08
CA PRO B 174 12.78 23.88 2.88
C PRO B 174 12.77 24.78 1.65
N PRO B 175 13.70 24.53 0.72
CA PRO B 175 13.73 25.31 -0.54
C PRO B 175 12.41 25.13 -1.30
N LEU B 176 11.88 26.22 -1.89
CA LEU B 176 10.61 26.11 -2.60
C LEU B 176 10.78 26.00 -4.12
N ASN B 177 11.09 24.77 -4.56
CA ASN B 177 11.22 24.34 -5.96
C ASN B 177 10.44 23.04 -6.20
N ARG B 178 10.26 22.61 -7.47
CA ARG B 178 9.47 21.43 -7.81
C ARG B 178 9.92 20.14 -7.13
N ASN B 179 11.20 20.07 -6.72
CA ASN B 179 11.77 18.92 -6.02
C ASN B 179 11.11 18.68 -4.65
N TYR B 180 10.63 19.75 -4.00
CA TYR B 180 10.04 19.62 -2.67
C TYR B 180 8.49 19.53 -2.73
N VAL B 181 7.96 18.29 -2.61
CA VAL B 181 6.51 18.04 -2.62
C VAL B 181 5.98 17.81 -1.19
N PHE B 182 5.08 18.70 -0.77
CA PHE B 182 4.45 18.78 0.55
C PHE B 182 3.16 18.02 0.60
N THR B 183 2.66 17.75 1.79
CA THR B 183 1.37 17.11 1.97
C THR B 183 0.57 18.05 2.81
N GLY B 184 -0.57 18.48 2.30
CA GLY B 184 -1.45 19.35 3.06
C GLY B 184 -2.29 18.54 4.01
N TYR B 185 -2.74 19.15 5.12
CA TYR B 185 -3.60 18.50 6.12
C TYR B 185 -4.65 19.48 6.65
N ARG B 186 -5.87 19.02 6.99
CA ARG B 186 -6.91 19.88 7.59
C ARG B 186 -7.07 19.51 9.08
N VAL B 187 -7.03 20.51 9.99
CA VAL B 187 -7.06 20.29 11.44
C VAL B 187 -8.41 19.74 11.93
N THR B 188 -8.63 18.39 11.90
CA THR B 188 -9.91 17.82 12.38
C THR B 188 -10.00 17.84 13.93
N LYS B 189 -11.20 17.60 14.49
CA LYS B 189 -11.51 17.61 15.91
C LYS B 189 -10.38 17.05 16.82
N ASN B 190 -9.92 15.80 16.55
CA ASN B 190 -8.88 15.17 17.36
C ASN B 190 -7.66 14.63 16.57
N SER B 191 -7.62 14.84 15.24
CA SER B 191 -6.48 14.42 14.40
C SER B 191 -6.38 15.27 13.09
N LYS B 192 -5.61 14.79 12.08
CA LYS B 192 -5.39 15.51 10.82
C LYS B 192 -5.77 14.63 9.61
N VAL B 193 -6.35 15.24 8.57
CA VAL B 193 -6.72 14.51 7.36
C VAL B 193 -5.97 15.04 6.12
N GLN B 194 -5.25 14.14 5.39
CA GLN B 194 -4.45 14.48 4.19
C GLN B 194 -5.28 15.10 3.09
N ILE B 195 -5.09 16.40 2.84
CA ILE B 195 -5.84 17.13 1.82
C ILE B 195 -5.18 17.03 0.40
N GLY B 196 -3.96 16.50 0.30
CA GLY B 196 -3.29 16.31 -0.98
C GLY B 196 -1.79 16.57 -1.00
N GLU B 197 -1.16 16.48 -2.20
CA GLU B 197 0.27 16.74 -2.40
C GLU B 197 0.44 18.13 -3.05
N TYR B 198 1.47 18.90 -2.64
CA TYR B 198 1.66 20.29 -3.09
C TYR B 198 3.10 20.68 -3.42
N THR B 199 3.28 21.55 -4.40
CA THR B 199 4.59 22.14 -4.69
C THR B 199 4.42 23.67 -4.51
N PHE B 200 5.49 24.34 -4.06
CA PHE B 200 5.43 25.78 -3.81
C PHE B 200 6.53 26.55 -4.56
N GLU B 201 6.28 27.84 -4.79
CA GLU B 201 7.17 28.74 -5.50
C GLU B 201 6.85 30.17 -5.06
N LYS B 202 7.88 31.01 -4.82
CA LYS B 202 7.69 32.40 -4.37
C LYS B 202 6.76 33.22 -5.27
N GLY B 203 6.05 34.19 -4.70
CA GLY B 203 5.12 35.06 -5.43
C GLY B 203 5.51 36.53 -5.40
N ALA B 208 4.48 35.21 1.04
CA ALA B 208 3.57 34.99 -0.08
C ALA B 208 4.10 33.91 -1.04
N VAL B 209 3.32 32.84 -1.25
CA VAL B 209 3.70 31.72 -2.11
C VAL B 209 2.64 31.41 -3.22
N VAL B 210 2.98 30.56 -4.21
CA VAL B 210 2.16 30.13 -5.33
C VAL B 210 2.10 28.58 -5.34
N TYR B 211 0.91 27.97 -5.11
CA TYR B 211 0.83 26.51 -5.02
C TYR B 211 0.41 25.79 -6.30
N ARG B 212 0.99 24.60 -6.51
CA ARG B 212 0.66 23.70 -7.63
C ARG B 212 0.24 22.39 -6.97
N GLY B 213 -1.05 22.22 -6.77
CA GLY B 213 -1.57 21.06 -6.08
C GLY B 213 -1.95 19.85 -6.91
N THR B 214 -1.56 18.66 -6.40
CA THR B 214 -1.87 17.31 -6.91
C THR B 214 -3.36 16.95 -6.72
N THR B 215 -4.21 17.99 -6.45
CA THR B 215 -5.66 17.98 -6.24
C THR B 215 -6.20 19.42 -6.15
N THR B 216 -7.40 19.63 -6.67
CA THR B 216 -8.05 20.93 -6.59
C THR B 216 -8.93 20.94 -5.33
N TYR B 217 -8.64 21.85 -4.40
CA TYR B 217 -9.38 21.94 -3.15
C TYR B 217 -9.52 23.37 -2.73
N LYS B 218 -10.59 23.67 -1.98
CA LYS B 218 -10.76 25.01 -1.45
C LYS B 218 -9.97 25.00 -0.14
N LEU B 219 -8.61 24.98 -0.23
CA LEU B 219 -7.82 24.95 1.00
C LEU B 219 -7.96 26.27 1.74
N ASN B 220 -8.39 26.14 2.99
CA ASN B 220 -8.67 27.23 3.91
C ASN B 220 -7.52 27.49 4.87
N VAL B 221 -7.53 28.65 5.52
CA VAL B 221 -6.54 29.05 6.53
C VAL B 221 -6.45 27.97 7.65
N GLY B 222 -5.25 27.74 8.20
CA GLY B 222 -5.07 26.74 9.25
C GLY B 222 -4.53 25.43 8.72
N ASP B 223 -4.79 25.13 7.43
CA ASP B 223 -4.25 23.94 6.78
C ASP B 223 -2.72 24.02 6.77
N TYR B 224 -2.05 22.89 6.94
CA TYR B 224 -0.60 22.90 7.03
C TYR B 224 0.04 21.90 6.09
N PHE B 225 1.32 22.12 5.77
CA PHE B 225 2.10 21.36 4.78
C PHE B 225 3.41 20.80 5.30
N VAL B 226 3.59 19.49 5.21
CA VAL B 226 4.82 18.84 5.65
C VAL B 226 5.33 18.01 4.49
N LEU B 227 6.64 18.01 4.26
CA LEU B 227 7.25 17.18 3.22
C LEU B 227 6.98 15.70 3.51
N THR B 228 6.34 14.96 2.58
CA THR B 228 5.98 13.56 2.86
C THR B 228 7.22 12.70 2.96
N SER B 229 7.37 12.08 4.13
CA SER B 229 8.47 11.21 4.50
C SER B 229 7.91 9.80 4.60
N HIS B 230 8.57 8.83 3.95
CA HIS B 230 8.10 7.46 4.02
C HIS B 230 9.16 6.51 4.56
N THR B 231 8.68 5.37 5.12
CA THR B 231 9.53 4.34 5.73
C THR B 231 10.42 3.67 4.70
N VAL B 232 11.73 3.60 4.99
CA VAL B 232 12.75 3.00 4.14
C VAL B 232 12.86 1.51 4.53
N MET B 233 12.44 0.61 3.64
CA MET B 233 12.54 -0.83 3.90
C MET B 233 13.95 -1.34 3.66
N PRO B 234 14.36 -2.44 4.32
CA PRO B 234 15.72 -2.96 4.10
C PRO B 234 15.88 -3.66 2.74
N LEU B 235 17.12 -3.66 2.22
CA LEU B 235 17.46 -4.21 0.91
C LEU B 235 18.02 -5.61 1.07
N SER B 236 17.60 -6.54 0.21
CA SER B 236 18.06 -7.93 0.27
C SER B 236 18.78 -8.33 -1.03
N ALA B 237 18.17 -8.02 -2.19
CA ALA B 237 18.70 -8.33 -3.52
C ALA B 237 19.84 -7.40 -3.95
N PRO B 238 20.80 -7.87 -4.82
CA PRO B 238 21.84 -6.96 -5.31
C PRO B 238 21.32 -5.89 -6.27
N THR B 239 22.12 -4.83 -6.52
CA THR B 239 21.73 -3.76 -7.47
C THR B 239 21.67 -4.34 -8.90
N LEU B 240 22.65 -5.24 -9.22
CA LEU B 240 22.78 -5.98 -10.45
C LEU B 240 22.93 -7.44 -10.12
N VAL B 241 22.14 -8.30 -10.78
CA VAL B 241 22.30 -9.74 -10.64
C VAL B 241 23.65 -10.13 -11.32
N PRO B 242 24.23 -11.31 -11.04
CA PRO B 242 25.49 -11.67 -11.74
C PRO B 242 25.23 -11.81 -13.24
N GLN B 243 26.13 -11.21 -14.05
CA GLN B 243 26.02 -11.24 -15.50
C GLN B 243 26.17 -12.65 -16.10
N GLU B 244 25.37 -12.99 -17.09
CA GLU B 244 25.46 -14.27 -17.80
C GLU B 244 25.47 -13.99 -19.29
N HIS B 245 26.39 -14.59 -20.04
CA HIS B 245 26.40 -14.44 -21.49
C HIS B 245 26.02 -15.77 -22.09
N TYR B 246 25.18 -15.77 -23.08
CA TYR B 246 24.69 -16.99 -23.73
C TYR B 246 25.12 -17.06 -25.20
N VAL B 247 25.20 -18.28 -25.73
CA VAL B 247 25.60 -18.52 -27.13
C VAL B 247 24.35 -18.42 -28.08
N ARG B 248 23.14 -18.61 -27.54
CA ARG B 248 21.88 -18.49 -28.27
C ARG B 248 20.92 -17.59 -27.48
N ILE B 249 19.82 -17.14 -28.11
CA ILE B 249 18.77 -16.39 -27.43
C ILE B 249 18.08 -17.40 -26.48
N THR B 250 18.00 -17.04 -25.20
CA THR B 250 17.52 -17.91 -24.16
C THR B 250 16.13 -17.59 -23.61
N GLY B 251 15.19 -18.52 -23.72
CA GLY B 251 13.86 -18.34 -23.14
C GLY B 251 12.96 -17.31 -23.79
N LEU B 252 13.41 -16.81 -24.94
CA LEU B 252 12.68 -15.84 -25.72
C LEU B 252 12.53 -16.40 -27.13
N TYR B 253 11.36 -16.13 -27.74
CA TYR B 253 11.07 -16.67 -29.08
C TYR B 253 10.74 -15.51 -30.06
N PRO B 254 11.71 -15.23 -30.97
CA PRO B 254 11.53 -14.12 -31.92
C PRO B 254 10.50 -14.35 -33.00
N THR B 255 9.94 -13.24 -33.47
CA THR B 255 8.93 -13.22 -34.51
C THR B 255 9.58 -13.43 -35.84
N LEU B 256 8.80 -13.98 -36.78
CA LEU B 256 9.28 -14.19 -38.15
C LEU B 256 9.07 -12.93 -39.01
N ASN B 257 8.04 -12.14 -38.70
CA ASN B 257 7.76 -10.94 -39.46
C ASN B 257 7.80 -9.74 -38.56
N ILE B 258 8.73 -8.81 -38.79
CA ILE B 258 8.79 -7.55 -38.04
C ILE B 258 8.49 -6.36 -38.97
N SER B 259 7.86 -5.34 -38.45
CA SER B 259 7.61 -4.11 -39.20
C SER B 259 8.97 -3.36 -39.38
N ASP B 260 9.15 -2.69 -40.54
CA ASP B 260 10.34 -1.86 -40.81
C ASP B 260 10.49 -0.66 -39.85
N GLU B 261 9.47 -0.43 -39.00
CA GLU B 261 9.51 0.59 -37.96
C GLU B 261 10.49 0.15 -36.85
N PHE B 262 10.68 -1.19 -36.63
CA PHE B 262 11.56 -1.77 -35.59
C PHE B 262 12.75 -2.55 -36.08
N SER B 263 12.93 -2.65 -37.42
CA SER B 263 14.02 -3.38 -38.03
C SER B 263 15.39 -2.86 -37.57
N SER B 264 15.53 -1.56 -37.31
CA SER B 264 16.80 -0.99 -36.85
C SER B 264 17.26 -1.54 -35.49
N ASN B 265 16.33 -2.13 -34.72
CA ASN B 265 16.70 -2.65 -33.41
C ASN B 265 16.78 -4.17 -33.36
N VAL B 266 16.56 -4.90 -34.48
CA VAL B 266 16.57 -6.37 -34.50
C VAL B 266 17.89 -6.99 -33.96
N ALA B 267 19.07 -6.43 -34.33
CA ALA B 267 20.34 -6.92 -33.81
C ALA B 267 20.45 -6.72 -32.27
N ASN B 268 20.00 -5.55 -31.78
CA ASN B 268 19.98 -5.22 -30.35
C ASN B 268 18.98 -6.11 -29.57
N TYR B 269 17.81 -6.41 -30.15
CA TYR B 269 16.81 -7.27 -29.52
C TYR B 269 17.38 -8.68 -29.33
N GLN B 270 18.20 -9.15 -30.30
CA GLN B 270 18.85 -10.46 -30.25
C GLN B 270 19.92 -10.45 -29.17
N LYS B 271 20.68 -9.35 -29.04
CA LYS B 271 21.67 -9.18 -27.99
C LYS B 271 20.97 -9.28 -26.60
N VAL B 272 19.72 -8.75 -26.49
CA VAL B 272 18.91 -8.79 -25.28
C VAL B 272 18.65 -10.24 -24.82
N GLY B 273 18.36 -11.13 -25.77
CA GLY B 273 18.12 -12.53 -25.47
C GLY B 273 19.38 -13.35 -25.24
N MET B 274 20.57 -12.79 -25.51
CA MET B 274 21.85 -13.50 -25.35
C MET B 274 22.72 -13.10 -24.14
N GLN B 275 22.17 -12.35 -23.21
CA GLN B 275 22.81 -11.98 -21.94
C GLN B 275 21.74 -11.88 -20.84
N LYS B 276 22.13 -12.05 -19.55
CA LYS B 276 21.17 -11.98 -18.44
C LYS B 276 20.63 -10.56 -18.36
N TYR B 277 21.52 -9.58 -18.44
CA TYR B 277 21.14 -8.19 -18.40
C TYR B 277 21.90 -7.42 -19.46
N SER B 278 21.23 -6.40 -20.01
CA SER B 278 21.84 -5.57 -21.03
C SER B 278 21.56 -4.10 -20.79
N THR B 279 22.51 -3.24 -21.14
CA THR B 279 22.37 -1.81 -20.96
C THR B 279 22.19 -1.08 -22.33
N LEU B 280 21.22 -0.17 -22.39
CA LEU B 280 20.96 0.59 -23.60
C LEU B 280 21.14 2.08 -23.32
N GLN B 281 22.15 2.70 -23.94
CA GLN B 281 22.31 4.13 -23.86
C GLN B 281 21.59 4.78 -25.05
N GLY B 282 20.55 5.53 -24.74
CA GLY B 282 19.78 6.25 -25.75
C GLY B 282 19.82 7.74 -25.51
N PRO B 283 20.68 8.43 -26.27
CA PRO B 283 20.72 9.90 -26.20
C PRO B 283 19.34 10.55 -26.49
N PRO B 284 19.22 11.89 -26.33
CA PRO B 284 17.91 12.53 -26.55
C PRO B 284 17.34 12.28 -27.93
N GLY B 285 16.07 11.85 -28.00
CA GLY B 285 15.36 11.66 -29.27
C GLY B 285 15.87 10.55 -30.19
N THR B 286 16.60 9.56 -29.65
CA THR B 286 17.13 8.44 -30.44
C THR B 286 16.20 7.22 -30.50
N GLY B 287 15.12 7.19 -29.70
CA GLY B 287 14.14 6.10 -29.76
C GLY B 287 14.08 5.09 -28.62
N LYS B 288 14.27 5.54 -27.38
CA LYS B 288 14.21 4.66 -26.23
C LYS B 288 12.84 3.97 -26.01
N SER B 289 11.71 4.72 -26.03
CA SER B 289 10.36 4.12 -25.85
C SER B 289 10.04 3.18 -26.98
N HIS B 290 10.44 3.56 -28.20
CA HIS B 290 10.26 2.81 -29.43
C HIS B 290 11.01 1.48 -29.31
N PHE B 291 12.25 1.52 -28.80
CA PHE B 291 13.06 0.32 -28.56
C PHE B 291 12.36 -0.58 -27.56
N ALA B 292 12.02 0.00 -26.38
CA ALA B 292 11.35 -0.71 -25.30
C ALA B 292 10.05 -1.41 -25.75
N ILE B 293 9.15 -0.71 -26.48
CA ILE B 293 7.90 -1.32 -26.92
C ILE B 293 8.10 -2.34 -28.06
N GLY B 294 9.07 -2.06 -28.94
CA GLY B 294 9.38 -2.94 -30.05
C GLY B 294 9.95 -4.28 -29.61
N LEU B 295 10.58 -4.32 -28.43
CA LEU B 295 11.11 -5.53 -27.83
C LEU B 295 9.95 -6.55 -27.61
N ALA B 296 8.74 -6.03 -27.28
CA ALA B 296 7.55 -6.88 -27.13
C ALA B 296 7.08 -7.44 -28.47
N LEU B 297 7.17 -6.64 -29.52
CA LEU B 297 6.81 -7.07 -30.86
C LEU B 297 7.83 -8.09 -31.40
N TYR B 298 9.11 -7.95 -31.02
CA TYR B 298 10.13 -8.89 -31.45
C TYR B 298 10.01 -10.22 -30.72
N TYR B 299 9.69 -10.24 -29.42
CA TYR B 299 9.48 -11.49 -28.67
C TYR B 299 8.01 -11.49 -28.30
N PRO B 300 7.11 -11.87 -29.23
CA PRO B 300 5.67 -11.67 -29.02
C PRO B 300 5.01 -12.49 -27.93
N SER B 301 5.61 -13.60 -27.54
CA SER B 301 5.09 -14.51 -26.50
C SER B 301 5.56 -14.11 -25.05
N ALA B 302 6.70 -13.38 -24.98
CA ALA B 302 7.34 -12.92 -23.74
C ALA B 302 6.50 -12.01 -22.88
N ARG B 303 6.47 -12.32 -21.57
CA ARG B 303 5.82 -11.50 -20.56
C ARG B 303 6.85 -10.39 -20.17
N ILE B 304 6.48 -9.12 -20.36
CA ILE B 304 7.36 -8.01 -20.10
C ILE B 304 6.83 -7.09 -19.05
N VAL B 305 7.66 -6.83 -18.04
CA VAL B 305 7.34 -5.88 -17.01
C VAL B 305 8.15 -4.62 -17.32
N TYR B 306 7.44 -3.50 -17.52
CA TYR B 306 7.99 -2.20 -17.82
C TYR B 306 7.93 -1.41 -16.55
N THR B 307 9.08 -0.96 -16.11
CA THR B 307 9.23 -0.21 -14.88
C THR B 307 10.12 0.98 -15.11
N ALA B 308 9.98 1.99 -14.23
CA ALA B 308 10.77 3.22 -14.12
C ALA B 308 10.51 3.82 -12.72
N CYS B 309 11.32 4.79 -12.29
CA CYS B 309 11.14 5.38 -10.95
C CYS B 309 9.90 6.24 -10.86
N SER B 310 9.64 7.04 -11.89
CA SER B 310 8.52 7.98 -11.87
C SER B 310 7.25 7.48 -12.57
N HIS B 311 6.11 8.03 -12.17
CA HIS B 311 4.84 7.76 -12.81
C HIS B 311 4.84 8.32 -14.23
N ALA B 312 5.50 9.47 -14.47
CA ALA B 312 5.58 10.08 -15.79
C ALA B 312 6.34 9.17 -16.79
N ALA B 313 7.47 8.53 -16.36
CA ALA B 313 8.22 7.66 -17.24
C ALA B 313 7.47 6.37 -17.53
N VAL B 314 6.72 5.84 -16.54
CA VAL B 314 5.93 4.62 -16.72
C VAL B 314 4.74 4.91 -17.67
N ASP B 315 4.13 6.13 -17.54
CA ASP B 315 3.01 6.60 -18.37
C ASP B 315 3.49 6.82 -19.79
N ALA B 316 4.71 7.35 -20.01
CA ALA B 316 5.26 7.53 -21.35
C ALA B 316 5.45 6.18 -22.04
N LEU B 317 5.78 5.10 -21.28
CA LEU B 317 5.88 3.75 -21.83
C LEU B 317 4.46 3.19 -22.17
N CYS B 318 3.45 3.50 -21.34
CA CYS B 318 2.05 3.12 -21.57
C CYS B 318 1.54 3.82 -22.84
N GLU B 319 1.92 5.10 -23.06
CA GLU B 319 1.52 5.85 -24.23
C GLU B 319 2.05 5.19 -25.50
N LYS B 320 3.35 4.80 -25.51
CA LYS B 320 3.97 4.14 -26.66
C LYS B 320 3.37 2.72 -26.84
N ALA B 321 3.06 1.99 -25.74
CA ALA B 321 2.45 0.65 -25.80
C ALA B 321 1.02 0.68 -26.32
N LEU B 322 0.29 1.75 -25.99
CA LEU B 322 -1.09 1.90 -26.43
C LEU B 322 -1.17 1.94 -27.97
N LYS B 323 -0.15 2.52 -28.63
CA LYS B 323 0.01 2.62 -30.07
C LYS B 323 0.37 1.28 -30.78
N TYR B 324 1.17 0.37 -30.16
CA TYR B 324 1.61 -0.83 -30.85
C TYR B 324 1.21 -2.18 -30.26
N LEU B 325 0.96 -2.21 -28.96
CA LEU B 325 0.64 -3.45 -28.26
C LEU B 325 -0.86 -3.59 -27.99
N PRO B 326 -1.40 -4.82 -27.95
CA PRO B 326 -2.85 -4.97 -27.70
C PRO B 326 -3.27 -4.52 -26.30
N ILE B 327 -4.25 -3.61 -26.20
CA ILE B 327 -4.74 -3.05 -24.93
C ILE B 327 -5.20 -4.11 -23.91
N ASP B 328 -5.76 -5.25 -24.37
CA ASP B 328 -6.22 -6.29 -23.44
C ASP B 328 -5.09 -7.09 -22.78
N LYS B 329 -3.85 -7.00 -23.34
CA LYS B 329 -2.64 -7.64 -22.84
C LYS B 329 -1.83 -6.74 -21.91
N CYS B 330 -2.31 -5.52 -21.64
CA CYS B 330 -1.67 -4.51 -20.81
C CYS B 330 -2.39 -4.21 -19.50
N SER B 331 -1.60 -3.92 -18.48
CA SER B 331 -2.12 -3.50 -17.21
C SER B 331 -1.22 -2.47 -16.55
N ARG B 332 -1.80 -1.38 -16.05
CA ARG B 332 -1.06 -0.35 -15.33
C ARG B 332 -1.26 -0.64 -13.82
N ILE B 333 -0.16 -0.92 -13.06
CA ILE B 333 -0.22 -1.21 -11.62
C ILE B 333 -0.18 0.12 -10.89
N ILE B 334 -1.24 0.44 -10.14
CA ILE B 334 -1.39 1.69 -9.39
C ILE B 334 -1.52 1.42 -7.91
N PRO B 335 -0.56 1.94 -7.10
CA PRO B 335 -0.66 1.77 -5.65
C PRO B 335 -1.81 2.62 -5.07
N ALA B 336 -2.64 2.05 -4.17
CA ALA B 336 -3.75 2.82 -3.59
C ALA B 336 -3.21 3.93 -2.67
N VAL B 340 -2.33 9.35 -6.76
CA VAL B 340 -1.76 10.19 -7.83
C VAL B 340 -2.39 9.93 -9.21
N GLU B 341 -2.53 10.97 -10.07
CA GLU B 341 -3.15 10.78 -11.38
C GLU B 341 -2.17 10.34 -12.47
N CYS B 342 -2.36 9.10 -12.93
CA CYS B 342 -1.49 8.50 -13.92
C CYS B 342 -2.32 7.81 -15.03
N PHE B 343 -1.68 7.10 -15.97
CA PHE B 343 -2.27 6.39 -17.11
C PHE B 343 -3.55 5.63 -16.79
N ASP B 344 -4.67 6.01 -17.44
CA ASP B 344 -5.96 5.35 -17.16
C ASP B 344 -6.57 4.56 -18.31
N LYS B 345 -5.78 4.18 -19.34
CA LYS B 345 -6.36 3.45 -20.47
C LYS B 345 -6.17 1.92 -20.42
N PHE B 346 -5.34 1.39 -19.49
CA PHE B 346 -5.18 -0.07 -19.36
C PHE B 346 -6.00 -0.56 -18.16
N LYS B 347 -6.30 -1.87 -18.11
CA LYS B 347 -6.98 -2.45 -16.93
C LYS B 347 -6.03 -2.30 -15.74
N VAL B 348 -6.53 -1.78 -14.61
CA VAL B 348 -5.66 -1.48 -13.47
C VAL B 348 -5.48 -2.67 -12.49
N ASN B 349 -4.22 -2.82 -12.02
CA ASN B 349 -3.75 -3.76 -11.00
C ASN B 349 -3.94 -5.25 -11.35
N SER B 350 -3.92 -5.58 -12.64
CA SER B 350 -4.00 -6.97 -13.08
C SER B 350 -2.56 -7.44 -13.30
N THR B 351 -1.93 -7.92 -12.20
CA THR B 351 -0.56 -8.38 -12.08
C THR B 351 -0.20 -9.48 -13.12
N LEU B 352 -1.19 -10.28 -13.54
CA LEU B 352 -0.89 -11.39 -14.45
C LEU B 352 -1.02 -11.10 -15.96
N GLU B 353 -1.17 -9.84 -16.33
CA GLU B 353 -1.26 -9.48 -17.75
C GLU B 353 0.12 -9.65 -18.40
N GLN B 354 0.18 -9.91 -19.71
CA GLN B 354 1.44 -10.10 -20.40
C GLN B 354 2.37 -8.90 -20.31
N TYR B 355 1.79 -7.68 -20.33
CA TYR B 355 2.50 -6.43 -20.24
C TYR B 355 2.08 -5.69 -19.00
N VAL B 356 3.01 -5.50 -18.06
CA VAL B 356 2.71 -4.86 -16.81
C VAL B 356 3.52 -3.59 -16.70
N PHE B 357 2.88 -2.46 -16.51
CA PHE B 357 3.56 -1.16 -16.42
C PHE B 357 3.39 -0.68 -14.99
N CYS B 358 4.48 -0.34 -14.32
CA CYS B 358 4.42 -0.06 -12.91
C CYS B 358 5.70 0.64 -12.44
N THR B 359 5.57 1.64 -11.53
CA THR B 359 6.74 2.31 -10.98
C THR B 359 7.51 1.33 -10.05
N VAL B 360 8.79 1.62 -9.77
CA VAL B 360 9.62 0.74 -8.94
C VAL B 360 9.02 0.52 -7.53
N ASN B 361 8.58 1.60 -6.82
CA ASN B 361 8.05 1.43 -5.45
C ASN B 361 6.70 0.68 -5.37
N ALA B 362 6.03 0.43 -6.53
CA ALA B 362 4.76 -0.29 -6.57
C ALA B 362 4.83 -1.72 -7.12
N LEU B 363 6.02 -2.18 -7.52
CA LEU B 363 6.18 -3.49 -8.14
C LEU B 363 5.66 -4.62 -7.26
N PRO B 364 4.94 -5.58 -7.85
CA PRO B 364 4.55 -6.77 -7.10
C PRO B 364 5.66 -7.84 -7.10
N GLU B 365 5.47 -8.91 -6.32
CA GLU B 365 6.41 -10.05 -6.26
C GLU B 365 5.99 -10.91 -7.44
N THR B 366 6.71 -10.83 -8.57
CA THR B 366 6.32 -11.57 -9.77
C THR B 366 7.53 -12.01 -10.62
N THR B 367 7.27 -12.81 -11.64
CA THR B 367 8.29 -13.24 -12.58
C THR B 367 8.04 -12.60 -13.96
N ALA B 368 9.05 -12.60 -14.82
CA ALA B 368 8.93 -12.03 -16.16
C ALA B 368 9.93 -12.65 -17.11
N ASP B 369 9.60 -12.69 -18.42
CA ASP B 369 10.55 -13.18 -19.41
C ASP B 369 11.60 -12.03 -19.64
N ILE B 370 11.13 -10.75 -19.65
CA ILE B 370 11.96 -9.57 -19.77
C ILE B 370 11.47 -8.50 -18.76
N VAL B 371 12.40 -7.80 -18.14
CA VAL B 371 12.11 -6.65 -17.32
C VAL B 371 12.81 -5.47 -18.02
N VAL B 372 12.06 -4.40 -18.34
CA VAL B 372 12.61 -3.21 -18.95
C VAL B 372 12.54 -2.12 -17.89
N PHE B 373 13.70 -1.62 -17.46
CA PHE B 373 13.83 -0.57 -16.47
C PHE B 373 14.27 0.68 -17.25
N ASP B 374 13.33 1.62 -17.45
CA ASP B 374 13.54 2.85 -18.19
C ASP B 374 14.03 4.00 -17.33
N GLU B 375 14.56 5.05 -17.99
CA GLU B 375 15.12 6.28 -17.43
C GLU B 375 16.11 5.93 -16.31
N ILE B 376 17.15 5.15 -16.65
CA ILE B 376 18.10 4.57 -15.70
C ILE B 376 19.04 5.57 -15.04
N SER B 377 19.32 6.76 -15.65
CA SER B 377 20.13 7.78 -14.97
C SER B 377 19.42 8.30 -13.70
N MET B 378 18.06 8.28 -13.69
CA MET B 378 17.21 8.71 -12.57
C MET B 378 17.13 7.71 -11.41
N ALA B 379 17.47 6.44 -11.66
CA ALA B 379 17.43 5.42 -10.62
C ALA B 379 18.61 5.59 -9.65
N THR B 380 18.37 5.15 -8.43
CA THR B 380 19.38 5.05 -7.37
C THR B 380 19.69 3.55 -7.20
N ASN B 381 20.74 3.22 -6.41
CA ASN B 381 21.01 1.83 -6.11
C ASN B 381 19.91 1.20 -5.28
N TYR B 382 19.16 2.02 -4.52
CA TYR B 382 18.04 1.56 -3.75
C TYR B 382 16.98 0.98 -4.69
N ASP B 383 16.62 1.73 -5.75
CA ASP B 383 15.66 1.29 -6.78
C ASP B 383 16.14 0.04 -7.53
N LEU B 384 17.44 0.01 -7.93
CA LEU B 384 18.07 -1.13 -8.63
C LEU B 384 17.89 -2.41 -7.86
N SER B 385 18.13 -2.36 -6.55
CA SER B 385 18.01 -3.48 -5.63
C SER B 385 16.54 -3.89 -5.44
N VAL B 386 15.62 -2.92 -5.28
CA VAL B 386 14.19 -3.20 -5.10
C VAL B 386 13.66 -4.01 -6.28
N VAL B 387 14.00 -3.59 -7.53
CA VAL B 387 13.58 -4.27 -8.75
C VAL B 387 14.08 -5.74 -8.74
N ASN B 388 15.37 -5.95 -8.36
CA ASN B 388 15.91 -7.31 -8.32
C ASN B 388 15.23 -8.19 -7.26
N ALA B 389 14.72 -7.58 -6.18
CA ALA B 389 14.00 -8.26 -5.09
C ALA B 389 12.57 -8.61 -5.47
N ARG B 390 11.87 -7.66 -6.13
CA ARG B 390 10.48 -7.83 -6.55
C ARG B 390 10.32 -8.72 -7.76
N LEU B 391 11.24 -8.63 -8.77
CA LEU B 391 11.12 -9.32 -10.08
C LEU B 391 12.20 -10.38 -10.39
N ARG B 392 11.75 -11.61 -10.65
CA ARG B 392 12.62 -12.70 -11.05
C ARG B 392 12.45 -12.85 -12.58
N ALA B 393 13.43 -12.39 -13.37
CA ALA B 393 13.30 -12.38 -14.80
C ALA B 393 14.37 -13.17 -15.58
N LYS B 394 14.02 -13.68 -16.78
CA LYS B 394 15.01 -14.35 -17.63
C LYS B 394 16.00 -13.28 -18.17
N HIS B 395 15.50 -12.06 -18.46
CA HIS B 395 16.34 -10.99 -18.98
C HIS B 395 15.99 -9.65 -18.38
N TYR B 396 17.00 -8.80 -18.15
CA TYR B 396 16.82 -7.47 -17.59
C TYR B 396 17.41 -6.47 -18.57
N VAL B 397 16.64 -5.45 -18.99
CA VAL B 397 17.14 -4.44 -19.91
C VAL B 397 17.06 -3.08 -19.21
N TYR B 398 18.18 -2.37 -19.10
CA TYR B 398 18.29 -1.07 -18.48
C TYR B 398 18.44 -0.04 -19.56
N ILE B 399 17.46 0.85 -19.71
CA ILE B 399 17.44 1.87 -20.75
C ILE B 399 17.51 3.26 -20.13
N GLY B 400 18.37 4.09 -20.67
CA GLY B 400 18.54 5.45 -20.20
C GLY B 400 19.75 6.10 -20.82
N ASP B 401 20.33 7.08 -20.12
CA ASP B 401 21.47 7.78 -20.67
C ASP B 401 22.24 8.39 -19.54
N PRO B 402 23.48 7.90 -19.25
CA PRO B 402 24.30 8.51 -18.17
C PRO B 402 24.71 9.95 -18.44
N ALA B 403 24.48 10.46 -19.67
CA ALA B 403 24.71 11.87 -20.05
C ALA B 403 23.49 12.76 -19.76
N GLN B 404 22.41 12.19 -19.20
CA GLN B 404 21.26 12.96 -18.78
C GLN B 404 21.24 13.09 -17.25
N LEU B 405 20.24 13.77 -16.73
CA LEU B 405 20.17 14.05 -15.31
C LEU B 405 19.85 12.84 -14.40
N PRO B 406 20.62 12.78 -13.28
CA PRO B 406 20.37 11.75 -12.27
C PRO B 406 19.25 12.15 -11.32
N ALA B 407 18.90 11.26 -10.37
CA ALA B 407 17.94 11.57 -9.29
C ALA B 407 18.54 12.66 -8.45
N PRO B 408 17.73 13.62 -7.99
CA PRO B 408 18.30 14.70 -7.16
C PRO B 408 18.83 14.12 -5.85
N ARG B 409 20.03 14.56 -5.46
CA ARG B 409 20.60 14.11 -4.22
C ARG B 409 20.44 15.28 -3.27
N THR B 410 19.29 15.33 -2.56
CA THR B 410 18.92 16.45 -1.68
C THR B 410 19.98 16.77 -0.61
N LEU B 411 20.72 15.77 -0.12
CA LEU B 411 21.73 16.02 0.90
C LEU B 411 23.05 16.50 0.33
N LEU B 412 23.36 16.17 -0.94
CA LEU B 412 24.64 16.51 -1.57
C LEU B 412 24.79 17.99 -1.86
N THR B 413 25.76 18.62 -1.21
CA THR B 413 26.02 20.06 -1.40
C THR B 413 27.48 20.35 -1.78
N LYS B 414 28.40 19.43 -1.46
CA LYS B 414 29.81 19.63 -1.73
C LYS B 414 30.32 18.61 -2.75
N GLY B 415 30.74 19.11 -3.89
CA GLY B 415 31.28 18.26 -4.94
C GLY B 415 30.25 17.94 -5.99
N THR B 416 30.73 17.57 -7.18
CA THR B 416 29.87 17.21 -8.29
C THR B 416 29.89 15.70 -8.40
N LEU B 417 28.72 15.09 -8.57
CA LEU B 417 28.57 13.65 -8.73
C LEU B 417 28.68 13.26 -10.19
N GLU B 418 29.76 12.58 -10.58
CA GLU B 418 29.97 12.16 -11.96
C GLU B 418 29.02 11.01 -12.37
N PRO B 419 28.65 10.92 -13.69
CA PRO B 419 27.71 9.86 -14.17
C PRO B 419 28.05 8.42 -13.82
N GLU B 420 29.35 8.09 -13.72
CA GLU B 420 29.75 6.74 -13.31
C GLU B 420 29.33 6.42 -11.86
N TYR B 421 28.84 7.39 -11.09
CA TYR B 421 28.45 7.19 -9.70
C TYR B 421 26.96 7.36 -9.43
N PHE B 422 26.12 7.51 -10.48
CA PHE B 422 24.67 7.69 -10.34
C PHE B 422 24.05 6.42 -9.76
N ASN B 423 24.46 5.28 -10.26
CA ASN B 423 24.00 3.95 -9.81
C ASN B 423 24.93 2.89 -10.46
N SER B 424 24.71 1.59 -10.17
CA SER B 424 25.53 0.53 -10.70
C SER B 424 25.44 0.40 -12.23
N VAL B 425 24.24 0.60 -12.82
CA VAL B 425 24.05 0.52 -14.26
C VAL B 425 24.85 1.62 -14.94
N CYS B 426 24.73 2.85 -14.40
CA CYS B 426 25.45 3.99 -14.94
C CYS B 426 26.96 3.84 -14.79
N ARG B 427 27.41 3.20 -13.69
CA ARG B 427 28.81 2.89 -13.48
C ARG B 427 29.30 1.96 -14.61
N LEU B 428 28.54 0.91 -14.94
CA LEU B 428 28.88 0.03 -16.04
C LEU B 428 28.90 0.76 -17.40
N MET B 429 27.87 1.57 -17.72
CA MET B 429 27.82 2.29 -18.99
C MET B 429 28.98 3.27 -19.16
N LYS B 430 29.56 3.76 -18.08
CA LYS B 430 30.69 4.71 -18.16
C LYS B 430 32.06 4.03 -18.09
N THR B 431 32.12 2.79 -17.57
CA THR B 431 33.38 2.09 -17.41
C THR B 431 33.59 1.10 -18.57
N ILE B 432 32.78 0.02 -18.67
CA ILE B 432 32.87 -0.97 -19.75
C ILE B 432 32.06 -0.60 -21.03
N GLY B 433 31.31 0.50 -20.96
CA GLY B 433 30.46 0.97 -22.04
C GLY B 433 29.10 0.31 -22.01
N PRO B 434 28.11 0.91 -22.70
CA PRO B 434 26.79 0.27 -22.76
C PRO B 434 26.78 -0.85 -23.77
N ASP B 435 25.88 -1.84 -23.57
CA ASP B 435 25.81 -2.96 -24.51
C ASP B 435 25.28 -2.49 -25.87
N MET B 436 24.31 -1.58 -25.84
CA MET B 436 23.67 -1.08 -27.04
C MET B 436 23.62 0.41 -27.02
N PHE B 437 23.64 1.01 -28.20
CA PHE B 437 23.64 2.44 -28.31
C PHE B 437 22.75 2.92 -29.46
N LEU B 438 21.76 3.83 -29.17
CA LEU B 438 20.91 4.41 -30.20
C LEU B 438 21.64 5.63 -30.72
N GLY B 439 22.29 5.45 -31.88
CA GLY B 439 23.17 6.46 -32.45
C GLY B 439 22.57 7.54 -33.32
N THR B 440 21.25 7.52 -33.59
CA THR B 440 20.69 8.57 -34.44
C THR B 440 19.59 9.40 -33.73
N CYS B 441 19.91 10.66 -33.51
CA CYS B 441 19.00 11.61 -32.90
C CYS B 441 18.08 12.15 -33.99
N ARG B 442 16.78 11.85 -33.89
CA ARG B 442 15.80 12.30 -34.87
C ARG B 442 15.07 13.58 -34.48
N ARG B 443 15.34 14.13 -33.29
CA ARG B 443 14.64 15.31 -32.83
C ARG B 443 15.33 16.63 -33.18
N CYS B 444 16.63 16.73 -32.90
CA CYS B 444 17.33 18.00 -32.92
C CYS B 444 17.94 18.42 -34.26
N PRO B 445 18.01 19.75 -34.48
CA PRO B 445 18.77 20.28 -35.63
C PRO B 445 20.23 19.86 -35.50
N ALA B 446 20.94 19.66 -36.61
CA ALA B 446 22.33 19.22 -36.56
C ALA B 446 23.24 20.08 -35.68
N GLU B 447 23.03 21.42 -35.57
CA GLU B 447 23.87 22.25 -34.69
C GLU B 447 23.88 21.74 -33.24
N ILE B 448 22.70 21.35 -32.70
CA ILE B 448 22.52 20.80 -31.37
C ILE B 448 23.11 19.40 -31.28
N VAL B 449 22.80 18.53 -32.26
CA VAL B 449 23.33 17.16 -32.26
C VAL B 449 24.88 17.13 -32.27
N ASP B 450 25.50 17.94 -33.11
CA ASP B 450 26.96 18.00 -33.21
C ASP B 450 27.61 18.55 -31.90
N THR B 451 26.91 19.48 -31.22
CA THR B 451 27.37 20.05 -29.96
C THR B 451 27.38 18.99 -28.85
N VAL B 452 26.24 18.27 -28.62
CA VAL B 452 26.16 17.28 -27.54
C VAL B 452 26.95 16.02 -27.89
N SER B 453 27.05 15.68 -29.19
CA SER B 453 27.83 14.54 -29.65
C SER B 453 29.32 14.73 -29.24
N ALA B 454 29.89 15.92 -29.49
CA ALA B 454 31.25 16.21 -29.07
C ALA B 454 31.37 16.31 -27.54
N LEU B 455 30.39 16.96 -26.90
CA LEU B 455 30.35 17.20 -25.45
C LEU B 455 30.25 15.96 -24.54
N VAL B 456 29.28 15.05 -24.79
CA VAL B 456 29.06 13.93 -23.87
C VAL B 456 29.00 12.52 -24.53
N TYR B 457 28.99 12.43 -25.87
CA TYR B 457 28.84 11.16 -26.58
C TYR B 457 30.03 10.70 -27.39
N ASP B 458 31.27 11.18 -27.10
CA ASP B 458 32.51 10.80 -27.82
C ASP B 458 32.38 10.89 -29.38
N ASN B 459 31.64 11.88 -29.89
CA ASN B 459 31.39 12.09 -31.32
C ASN B 459 30.69 10.90 -32.00
N LYS B 460 29.93 10.12 -31.21
CA LYS B 460 29.21 8.96 -31.73
C LYS B 460 27.72 9.20 -31.96
N LEU B 461 27.18 10.38 -31.59
CA LEU B 461 25.77 10.66 -31.85
C LEU B 461 25.67 11.30 -33.24
N LYS B 462 24.77 10.80 -34.10
CA LYS B 462 24.61 11.33 -35.45
C LYS B 462 23.29 12.12 -35.60
N ALA B 463 23.27 13.18 -36.45
CA ALA B 463 22.06 13.96 -36.64
C ALA B 463 21.27 13.39 -37.78
N HIS B 464 19.96 13.22 -37.58
CA HIS B 464 19.08 12.78 -38.65
C HIS B 464 18.62 14.04 -39.43
N LYS B 465 18.31 15.12 -38.73
CA LYS B 465 17.93 16.38 -39.34
C LYS B 465 19.15 17.15 -39.87
N ASP B 466 18.90 18.07 -40.81
CA ASP B 466 19.95 18.97 -41.29
C ASP B 466 20.12 20.12 -40.23
N LYS B 467 21.13 21.00 -40.41
CA LYS B 467 21.29 22.18 -39.59
C LYS B 467 20.04 23.07 -39.84
N SER B 468 19.37 23.48 -38.77
CA SER B 468 18.15 24.28 -38.90
C SER B 468 18.41 25.75 -39.25
N ALA B 469 19.65 26.24 -38.98
CA ALA B 469 20.07 27.65 -39.10
C ALA B 469 19.31 28.57 -38.12
N GLN B 470 18.67 27.97 -37.11
CA GLN B 470 17.91 28.67 -36.11
C GLN B 470 18.45 28.38 -34.69
N CYS B 471 19.77 28.12 -34.56
CA CYS B 471 20.42 27.83 -33.29
C CYS B 471 21.42 28.96 -33.02
N PHE B 472 21.12 29.78 -32.02
CA PHE B 472 21.91 30.95 -31.66
C PHE B 472 22.47 30.91 -30.25
N LYS B 473 23.61 31.56 -30.07
CA LYS B 473 24.28 31.68 -28.79
C LYS B 473 24.69 33.14 -28.59
N MET B 474 24.51 33.64 -27.37
N MET B 474 24.50 33.65 -27.37
CA MET B 474 24.98 34.97 -27.02
CA MET B 474 24.90 35.00 -27.01
C MET B 474 25.72 34.85 -25.73
C MET B 474 25.68 34.89 -25.72
N PHE B 475 26.84 35.53 -25.65
CA PHE B 475 27.64 35.51 -24.44
C PHE B 475 27.27 36.79 -23.64
N TYR B 476 26.49 36.61 -22.56
CA TYR B 476 26.00 37.73 -21.76
C TYR B 476 25.90 37.38 -20.26
N LYS B 477 26.85 37.83 -19.45
CA LYS B 477 26.84 37.52 -18.02
C LYS B 477 25.71 38.17 -17.20
N GLY B 478 25.30 39.38 -17.60
CA GLY B 478 24.21 40.09 -16.95
C GLY B 478 24.48 40.49 -15.52
N VAL B 479 23.48 40.27 -14.64
CA VAL B 479 23.50 40.59 -13.20
C VAL B 479 22.82 39.45 -12.45
N ILE B 480 23.55 38.83 -11.52
CA ILE B 480 22.98 37.72 -10.77
C ILE B 480 22.47 38.17 -9.43
N THR B 481 21.18 38.00 -9.21
CA THR B 481 20.57 38.22 -7.94
C THR B 481 20.21 36.83 -7.36
N HIS B 482 20.30 36.73 -6.02
CA HIS B 482 20.02 35.49 -5.31
C HIS B 482 18.92 35.74 -4.34
N ASP B 483 18.00 34.79 -4.27
CA ASP B 483 16.98 34.84 -3.24
C ASP B 483 17.37 33.72 -2.19
N VAL B 484 16.39 33.10 -1.52
CA VAL B 484 16.68 32.10 -0.49
C VAL B 484 17.35 30.82 -1.02
N SER B 485 16.84 30.26 -2.13
CA SER B 485 17.38 29.00 -2.64
C SER B 485 17.42 28.93 -4.19
N SER B 486 17.59 30.08 -4.88
CA SER B 486 17.63 30.09 -6.34
C SER B 486 18.36 31.34 -6.90
N ALA B 487 18.61 31.40 -8.24
CA ALA B 487 19.25 32.58 -8.84
C ALA B 487 18.35 33.21 -9.93
N ILE B 488 18.53 34.50 -10.12
CA ILE B 488 17.80 35.29 -11.07
C ILE B 488 18.83 36.14 -11.85
N ASN B 489 18.60 36.29 -13.16
CA ASN B 489 19.42 37.11 -14.02
C ASN B 489 18.47 37.94 -14.90
N ARG B 490 17.96 39.07 -14.34
CA ARG B 490 17.04 39.95 -15.06
C ARG B 490 17.63 40.49 -16.37
N PRO B 491 18.90 40.94 -16.42
CA PRO B 491 19.47 41.37 -17.73
C PRO B 491 19.47 40.27 -18.81
N GLN B 492 19.62 38.98 -18.45
CA GLN B 492 19.52 37.90 -19.44
C GLN B 492 18.06 37.76 -19.96
N ILE B 493 17.04 37.96 -19.08
CA ILE B 493 15.62 37.96 -19.49
C ILE B 493 15.34 39.21 -20.35
N GLY B 494 16.02 40.33 -20.08
CA GLY B 494 15.93 41.57 -20.85
C GLY B 494 16.47 41.36 -22.25
N VAL B 495 17.58 40.64 -22.39
CA VAL B 495 18.14 40.30 -23.70
C VAL B 495 17.11 39.44 -24.48
N VAL B 496 16.45 38.48 -23.82
CA VAL B 496 15.43 37.62 -24.45
C VAL B 496 14.28 38.46 -24.95
N ARG B 497 13.77 39.36 -24.12
CA ARG B 497 12.71 40.29 -24.47
C ARG B 497 13.09 41.15 -25.71
N GLU B 498 14.35 41.66 -25.83
CA GLU B 498 14.80 42.43 -27.01
C GLU B 498 14.84 41.52 -28.24
N PHE B 499 15.36 40.28 -28.09
CA PHE B 499 15.37 39.30 -29.16
C PHE B 499 13.94 38.96 -29.63
N LEU B 500 12.98 38.77 -28.70
CA LEU B 500 11.59 38.43 -29.03
C LEU B 500 10.90 39.51 -29.84
N THR B 501 11.13 40.80 -29.53
CA THR B 501 10.54 41.90 -30.29
C THR B 501 11.01 41.87 -31.76
N ARG B 502 12.29 41.54 -31.96
CA ARG B 502 12.84 41.44 -33.30
C ARG B 502 12.61 40.07 -34.00
N ASN B 503 12.22 38.98 -33.25
CA ASN B 503 12.00 37.61 -33.71
C ASN B 503 10.68 37.03 -33.21
N PRO B 504 9.53 37.66 -33.55
CA PRO B 504 8.23 37.18 -33.04
C PRO B 504 7.85 35.72 -33.35
N ALA B 505 8.46 35.05 -34.35
CA ALA B 505 8.20 33.60 -34.56
C ALA B 505 8.59 32.78 -33.29
N TRP B 506 9.54 33.31 -32.51
CA TRP B 506 10.02 32.73 -31.24
C TRP B 506 9.05 32.94 -30.07
N ARG B 507 7.90 33.61 -30.26
CA ARG B 507 6.93 33.76 -29.18
C ARG B 507 6.25 32.40 -28.87
N LYS B 508 6.35 31.39 -29.75
CA LYS B 508 5.90 30.03 -29.47
C LYS B 508 6.98 29.21 -28.64
N ALA B 509 8.14 29.81 -28.32
CA ALA B 509 9.22 29.14 -27.59
C ALA B 509 8.92 28.82 -26.13
N VAL B 510 9.51 27.71 -25.62
CA VAL B 510 9.48 27.39 -24.21
C VAL B 510 10.72 28.02 -23.60
N PHE B 511 10.59 28.70 -22.46
CA PHE B 511 11.72 29.30 -21.75
C PHE B 511 12.26 28.26 -20.74
N ILE B 512 13.57 28.04 -20.78
CA ILE B 512 14.26 27.09 -19.93
C ILE B 512 15.46 27.76 -19.23
N SER B 513 15.68 27.41 -17.98
CA SER B 513 16.82 27.88 -17.21
C SER B 513 17.13 26.87 -16.10
N PRO B 514 18.33 26.90 -15.50
CA PRO B 514 18.61 25.96 -14.38
C PRO B 514 17.95 26.35 -13.05
N TYR B 515 17.21 27.50 -12.98
CA TYR B 515 16.63 28.01 -11.73
C TYR B 515 15.17 28.31 -11.82
N ASN B 516 14.40 27.86 -10.83
CA ASN B 516 12.96 28.10 -10.80
C ASN B 516 12.61 29.57 -10.57
N SER B 517 13.45 30.33 -9.86
CA SER B 517 13.20 31.74 -9.65
C SER B 517 13.44 32.52 -10.92
N GLN B 518 14.49 32.19 -11.69
CA GLN B 518 14.73 32.80 -13.00
C GLN B 518 13.47 32.60 -13.92
N ASN B 519 12.92 31.38 -13.90
CA ASN B 519 11.73 30.98 -14.63
C ASN B 519 10.48 31.77 -14.20
N ALA B 520 10.34 32.05 -12.88
CA ALA B 520 9.18 32.76 -12.39
C ALA B 520 9.21 34.23 -12.85
N VAL B 521 10.43 34.83 -12.87
CA VAL B 521 10.62 36.18 -13.37
C VAL B 521 10.35 36.21 -14.90
N ALA B 522 10.93 35.25 -15.66
CA ALA B 522 10.74 35.15 -17.12
C ALA B 522 9.28 34.89 -17.52
N SER B 523 8.50 34.20 -16.66
CA SER B 523 7.11 33.95 -16.95
C SER B 523 6.32 35.25 -16.94
N LYS B 524 6.58 36.11 -15.97
CA LYS B 524 5.91 37.39 -15.85
C LYS B 524 6.36 38.37 -16.96
N ILE B 525 7.67 38.54 -17.17
CA ILE B 525 8.23 39.47 -18.16
C ILE B 525 8.06 39.04 -19.63
N LEU B 526 8.19 37.74 -19.93
CA LEU B 526 8.12 37.25 -21.32
C LEU B 526 6.79 36.61 -21.67
N GLY B 527 6.13 36.04 -20.69
CA GLY B 527 4.89 35.33 -20.94
C GLY B 527 5.08 33.99 -21.62
N LEU B 528 6.35 33.54 -21.81
CA LEU B 528 6.61 32.23 -22.41
C LEU B 528 6.33 31.14 -21.37
N PRO B 529 5.90 29.94 -21.80
CA PRO B 529 5.80 28.82 -20.84
C PRO B 529 7.21 28.48 -20.31
N THR B 530 7.34 28.05 -19.06
CA THR B 530 8.68 27.77 -18.52
C THR B 530 8.86 26.35 -17.99
N GLN B 531 10.12 25.90 -17.98
CA GLN B 531 10.58 24.61 -17.48
C GLN B 531 11.97 24.79 -16.94
N THR B 532 12.27 24.17 -15.82
CA THR B 532 13.67 24.08 -15.39
C THR B 532 14.27 22.97 -16.29
N VAL B 533 15.60 22.91 -16.39
CA VAL B 533 16.23 21.85 -17.20
C VAL B 533 15.82 20.45 -16.69
N ASP B 534 15.85 20.29 -15.36
CA ASP B 534 15.49 19.07 -14.66
C ASP B 534 14.01 18.65 -14.93
N SER B 535 13.09 19.61 -15.03
CA SER B 535 11.68 19.26 -15.36
C SER B 535 11.43 19.09 -16.87
N SER B 536 12.35 19.59 -17.72
CA SER B 536 12.22 19.47 -19.17
C SER B 536 12.65 18.11 -19.70
N GLN B 537 13.45 17.33 -18.93
CA GLN B 537 13.96 16.00 -19.30
C GLN B 537 12.83 15.08 -19.73
N GLY B 538 12.93 14.55 -20.94
CA GLY B 538 11.89 13.69 -21.50
C GLY B 538 10.92 14.43 -22.41
N SER B 539 10.88 15.78 -22.35
CA SER B 539 9.99 16.60 -23.18
C SER B 539 10.71 17.22 -24.41
N GLU B 540 9.93 17.65 -25.42
CA GLU B 540 10.50 18.31 -26.60
C GLU B 540 9.62 19.44 -27.05
N TYR B 541 10.25 20.48 -27.57
CA TYR B 541 9.58 21.71 -27.98
C TYR B 541 10.18 22.21 -29.31
N ASP B 542 9.38 22.88 -30.18
CA ASP B 542 9.91 23.39 -31.47
C ASP B 542 11.02 24.41 -31.21
N TYR B 543 10.78 25.35 -30.31
CA TYR B 543 11.77 26.37 -30.00
C TYR B 543 12.02 26.44 -28.52
N VAL B 544 13.27 26.65 -28.16
CA VAL B 544 13.71 26.72 -26.79
C VAL B 544 14.52 27.99 -26.61
N ILE B 545 14.23 28.74 -25.55
CA ILE B 545 15.05 29.87 -25.17
C ILE B 545 15.61 29.49 -23.81
N PHE B 546 16.94 29.45 -23.72
CA PHE B 546 17.64 29.05 -22.52
C PHE B 546 18.52 30.19 -22.02
N THR B 547 18.33 30.62 -20.75
CA THR B 547 19.26 31.58 -20.15
C THR B 547 20.03 30.75 -19.06
N GLN B 548 21.36 30.72 -19.15
CA GLN B 548 22.16 29.99 -18.18
C GLN B 548 22.03 30.53 -16.73
N THR B 549 21.67 31.82 -16.59
CA THR B 549 21.45 32.54 -15.32
C THR B 549 22.78 32.83 -14.54
N THR B 550 23.55 31.78 -14.19
CA THR B 550 24.81 31.90 -13.44
C THR B 550 25.94 31.05 -14.11
N GLU B 551 27.18 31.10 -13.56
CA GLU B 551 28.30 30.27 -13.98
C GLU B 551 28.62 29.24 -12.87
N THR B 552 27.62 28.79 -12.11
CA THR B 552 27.83 27.83 -11.03
C THR B 552 28.14 26.41 -11.56
N ALA B 553 28.57 25.50 -10.66
CA ALA B 553 28.76 24.11 -10.99
C ALA B 553 27.35 23.51 -11.40
N HIS B 554 26.24 24.00 -10.80
CA HIS B 554 24.87 23.60 -11.15
C HIS B 554 24.49 23.99 -12.62
N SER B 555 24.65 25.27 -12.99
CA SER B 555 24.29 25.74 -14.32
C SER B 555 25.32 25.31 -15.41
N CYS B 556 26.53 24.88 -15.00
CA CYS B 556 27.56 24.41 -15.92
C CYS B 556 27.64 22.93 -16.02
N ASN B 557 26.80 22.18 -15.31
CA ASN B 557 26.82 20.73 -15.37
C ASN B 557 26.59 20.25 -16.80
N VAL B 558 27.52 19.43 -17.37
CA VAL B 558 27.39 19.04 -18.76
C VAL B 558 26.15 18.20 -19.01
N ASN B 559 25.68 17.43 -18.02
CA ASN B 559 24.48 16.62 -18.19
C ASN B 559 23.24 17.51 -18.25
N ARG B 560 23.18 18.53 -17.40
CA ARG B 560 22.08 19.49 -17.37
C ARG B 560 22.13 20.29 -18.69
N PHE B 561 23.34 20.71 -19.13
CA PHE B 561 23.49 21.45 -20.37
C PHE B 561 23.01 20.66 -21.57
N ASN B 562 23.37 19.35 -21.60
CA ASN B 562 22.98 18.38 -22.60
C ASN B 562 21.44 18.31 -22.66
N VAL B 563 20.76 18.09 -21.51
CA VAL B 563 19.29 18.04 -21.45
C VAL B 563 18.67 19.38 -21.93
N ALA B 564 19.22 20.50 -21.47
CA ALA B 564 18.71 21.81 -21.83
C ALA B 564 18.65 22.05 -23.35
N ILE B 565 19.78 21.87 -24.07
CA ILE B 565 19.81 22.17 -25.49
C ILE B 565 19.19 21.10 -26.35
N THR B 566 19.03 19.83 -25.88
CA THR B 566 18.40 18.76 -26.66
C THR B 566 16.85 18.72 -26.53
N ARG B 567 16.22 19.75 -25.91
CA ARG B 567 14.76 19.80 -25.85
C ARG B 567 14.18 20.34 -27.21
N ALA B 568 14.99 21.11 -27.97
CA ALA B 568 14.63 21.78 -29.22
C ALA B 568 14.57 20.89 -30.47
N LYS B 569 13.45 20.98 -31.18
CA LYS B 569 13.23 20.28 -32.45
C LYS B 569 13.66 21.18 -33.63
N VAL B 570 13.47 22.50 -33.51
CA VAL B 570 13.73 23.42 -34.61
C VAL B 570 14.79 24.49 -34.30
N GLY B 571 14.57 25.29 -33.26
CA GLY B 571 15.49 26.37 -32.91
C GLY B 571 15.77 26.52 -31.44
N ILE B 572 16.91 27.08 -31.14
CA ILE B 572 17.32 27.37 -29.77
C ILE B 572 18.09 28.66 -29.69
N LEU B 573 17.82 29.45 -28.66
CA LEU B 573 18.58 30.65 -28.37
C LEU B 573 19.19 30.37 -26.97
N CYS B 574 20.52 30.41 -26.86
CA CYS B 574 21.22 30.19 -25.59
C CYS B 574 21.87 31.45 -25.13
N ILE B 575 21.39 32.08 -24.03
CA ILE B 575 22.05 33.25 -23.44
C ILE B 575 22.93 32.62 -22.37
N MET B 576 24.27 32.62 -22.62
CA MET B 576 25.28 31.97 -21.80
C MET B 576 26.07 32.88 -20.88
N SER B 577 26.45 32.34 -19.74
CA SER B 577 27.27 32.97 -18.72
C SER B 577 28.69 32.39 -18.76
N ASP B 578 28.80 31.08 -19.03
CA ASP B 578 30.04 30.32 -19.03
C ASP B 578 30.72 30.38 -20.38
N ARG B 579 31.99 30.85 -20.44
CA ARG B 579 32.78 30.93 -21.67
C ARG B 579 33.02 29.55 -22.28
N ASP B 580 33.27 28.57 -21.44
CA ASP B 580 33.53 27.17 -21.79
C ASP B 580 32.37 26.57 -22.62
N LEU B 581 31.16 26.45 -22.03
CA LEU B 581 29.97 25.92 -22.69
C LEU B 581 29.54 26.81 -23.86
N TYR B 582 29.75 28.14 -23.78
CA TYR B 582 29.42 29.02 -24.87
C TYR B 582 30.29 28.66 -26.11
N ASP B 583 31.61 28.46 -25.90
CA ASP B 583 32.58 28.12 -26.95
C ASP B 583 32.33 26.74 -27.54
N LYS B 584 31.83 25.79 -26.71
CA LYS B 584 31.44 24.46 -27.16
C LYS B 584 30.15 24.44 -28.01
N LEU B 585 29.25 25.43 -27.83
CA LEU B 585 28.02 25.48 -28.62
C LEU B 585 28.35 25.75 -30.11
N GLN B 586 27.98 24.81 -31.01
CA GLN B 586 28.21 24.99 -32.44
C GLN B 586 26.99 25.67 -33.06
N PHE B 587 26.71 26.85 -32.54
CA PHE B 587 25.58 27.69 -32.89
C PHE B 587 26.10 28.98 -33.49
N THR B 588 25.22 29.69 -34.18
CA THR B 588 25.53 30.98 -34.75
C THR B 588 25.59 32.01 -33.62
N SER B 589 26.72 32.69 -33.44
CA SER B 589 26.86 33.70 -32.41
C SER B 589 26.11 35.03 -32.77
N LEU B 590 25.49 35.68 -31.76
CA LEU B 590 24.77 36.95 -31.95
C LEU B 590 25.44 38.06 -31.13
N GLU B 591 25.26 39.33 -31.53
CA GLU B 591 25.83 40.47 -30.80
C GLU B 591 24.81 40.99 -29.74
N ILE B 592 25.31 41.63 -28.67
CA ILE B 592 24.45 42.17 -27.59
C ILE B 592 23.88 43.54 -27.98
N PRO B 593 22.55 43.67 -28.13
CA PRO B 593 21.97 45.00 -28.46
C PRO B 593 22.10 46.03 -27.33
N1 VX4 C . -8.46 -29.31 9.93
C4 VX4 C . -9.86 -31.06 11.07
C5 VX4 C . -9.42 -29.60 11.01
C6 VX4 C . -7.09 -29.87 10.03
C7 VX4 C . -6.71 -30.45 11.39
C8 VX4 C . -8.83 -28.62 8.84
C10 VX4 C . -7.01 -26.92 8.43
C1 VX4 C . -7.79 -31.60 13.34
C2 VX4 C . -7.45 -31.71 11.86
C3 VX4 C . -8.69 -32.04 11.01
O1 VX4 C . -10.02 -28.58 8.53
C9 VX4 C . -7.89 -27.85 7.98
S1 VX4 C . -6.20 -26.20 7.11
C11 VX4 C . -7.01 -27.27 6.05
N2 VX4 C . -7.82 -28.11 6.62
ZN ZN D . -21.61 -21.26 -37.02
ZN ZN E . -19.20 -20.76 -15.16
ZN ZN F . -10.29 -29.85 -12.84
P PO4 G . -12.26 -9.60 26.61
O1 PO4 G . -13.60 -8.76 26.39
O2 PO4 G . -12.51 -11.08 26.26
O3 PO4 G . -11.79 -9.56 28.13
O4 PO4 G . -11.08 -8.95 25.73
P PO4 H . -16.40 -8.77 23.61
O1 PO4 H . -17.34 -8.41 24.86
O2 PO4 H . -16.14 -10.26 23.71
O3 PO4 H . -17.18 -8.42 22.26
O4 PO4 H . -15.04 -7.94 23.73
ZN ZN I . 27.38 2.06 13.81
ZN ZN J . 31.01 -9.78 10.58
ZN ZN K . 25.61 1.64 35.60
P PO4 L . 13.27 9.03 -26.92
O1 PO4 L . 12.39 7.91 -26.21
O2 PO4 L . 13.17 10.46 -26.22
O3 PO4 L . 12.72 9.16 -28.36
O4 PO4 L . 14.82 8.62 -26.92
P PO4 M . 15.08 12.30 -23.77
O1 PO4 M . 13.77 11.61 -24.35
O2 PO4 M . 14.95 12.59 -22.26
O3 PO4 M . 15.41 13.67 -24.54
O4 PO4 M . 16.30 11.29 -23.84
#